data_4KRE
#
_entry.id   4KRE
#
_cell.length_a   70.470
_cell.length_b   98.630
_cell.length_c   73.210
_cell.angle_alpha   90.000
_cell.angle_beta   110.960
_cell.angle_gamma   90.000
#
_symmetry.space_group_name_H-M   'P 1 21 1'
#
loop_
_entity.id
_entity.type
_entity.pdbx_description
1 polymer 'Protein argonaute-1'
2 polymer "RNA (5'-R(P*AP*AP*UP*AP*UP*UP*AP*AP*A*AP*AP*AP*AP*AP*AP*AP*AP*AP*AP*A)-3')"
3 water water
#
loop_
_entity_poly.entity_id
_entity_poly.type
_entity_poly.pdbx_seq_one_letter_code
_entity_poly.pdbx_strand_id
1 'polypeptide(L)'
;AMEAGPSGAAAGAYLPPLQQVFQAPRRPGIGTVGKPIKLLANYFEVDIPKIDVYHYEVDIKPDKCPRRVNREVVEYMVQH
FKPQIFGDRKPVYDGKKNIYTVTALPIGNERVDFEVTIPGEGKDRIFKVSIKWLAIVSWRMLHEALVSGQIPVPLESVQA
LDVAMRHLASMRYTPVGRSFFSPPEGYYHPLGGGREVWFGFHQSVRPAMWKMMLNIDVSATAFYKAQPVIEFMCEVLDIR
NIDEQPKPLTDSQRVRFTKEIKGLKVEVTHCGQMKRKYRVCNVTRRPASHQTFPLQLESGQTVECTVAQYFKQKYNLQLK
YPHLPCLQVGQEQKHTYLPLEVCNIVAGQRCIKKLTDNQTSTMIKATARSAPDRQEEISRLMKNASYNLDPYIQEFGIKV
KDDMTEVTGRVLPAPILQYGGRNRAIATPNQGVWDMRGKQFYNGIEIKVWAIACFAPQKQCREEVLKNFTDQLRKISKDA
GMPIQGQPCFCKYAQGADSVEPMFRHLKNTYSGLQLIIVILPGKTPVYAEVKRVGDTLLGMATQCVQVKNVVKTSPQTLS
NLCLKINVKLGGINNILVPHQRSAVFQQPVIFLGADVTHPPAGDGKKPSITAVVGSMDAHPSRYCATVRVQRPRQEIIED
LSYMVRELLIQFYKSTRFKPTRIIFYRDGVPEGQLPQILHYELLAIRDACIKLEKDYQPGITYIVVQKRHHTRLFCADKN
ERIGKSGNIPAGTTVDTNITHPFEFDFYLCSHAGIQGTSRPSHYYVLWDDNRFTADELQILTYQLCHTYVRCTRSVSIPA
PAYYARLVAFRARYHLVDKEHDSGEGSHISGQSNGRDPQALAKAVQVHQDTLRTMYFA
;
A
2 'polyribonucleotide' AAUAUUAAAAAAAAAAAAAA R
#
loop_
_chem_comp.id
_chem_comp.type
_chem_comp.name
_chem_comp.formula
A RNA linking ADENOSINE-5'-MONOPHOSPHATE 'C10 H14 N5 O7 P'
U RNA linking URIDINE-5'-MONOPHOSPHATE 'C9 H13 N2 O9 P'
#
# COMPACT_ATOMS: atom_id res chain seq x y z
N GLN A 19 -19.92 15.12 11.19
CA GLN A 19 -19.57 16.48 11.61
C GLN A 19 -18.31 16.53 12.45
N GLN A 20 -17.23 17.02 11.86
CA GLN A 20 -15.95 17.08 12.53
C GLN A 20 -15.99 18.06 13.71
N VAL A 21 -15.51 17.59 14.86
CA VAL A 21 -15.42 18.42 16.06
C VAL A 21 -13.98 18.57 16.57
N PHE A 22 -13.07 17.70 16.14
CA PHE A 22 -11.67 17.90 16.45
C PHE A 22 -10.96 18.62 15.31
N GLN A 23 -10.67 19.90 15.51
CA GLN A 23 -10.01 20.69 14.48
C GLN A 23 -8.53 20.35 14.41
N ALA A 24 -8.02 20.13 13.20
CA ALA A 24 -6.60 19.87 13.01
C ALA A 24 -5.81 21.10 13.41
N PRO A 25 -4.64 20.90 14.02
CA PRO A 25 -3.84 22.07 14.39
C PRO A 25 -3.43 22.89 13.18
N ARG A 26 -3.39 24.20 13.36
CA ARG A 26 -2.82 25.04 12.33
C ARG A 26 -1.31 24.85 12.34
N ARG A 27 -0.66 25.06 11.20
CA ARG A 27 0.79 24.98 11.16
C ARG A 27 1.37 26.01 12.13
N PRO A 28 2.17 25.59 13.11
CA PRO A 28 2.74 26.54 14.09
C PRO A 28 3.84 27.39 13.49
N GLY A 29 4.37 26.94 12.36
CA GLY A 29 5.43 27.66 11.68
C GLY A 29 6.11 26.72 10.71
N ILE A 30 7.07 27.26 9.96
CA ILE A 30 7.84 26.45 9.06
C ILE A 30 9.21 26.15 9.67
N GLY A 31 9.81 25.03 9.27
CA GLY A 31 11.09 24.66 9.82
C GLY A 31 12.20 25.59 9.34
N THR A 32 13.21 25.79 10.18
CA THR A 32 14.35 26.59 9.80
C THR A 32 15.65 25.82 9.93
N VAL A 33 15.56 24.56 10.37
CA VAL A 33 16.78 23.77 10.62
C VAL A 33 17.13 22.98 9.37
N GLY A 34 18.42 22.85 9.07
CA GLY A 34 18.82 22.01 7.95
C GLY A 34 19.37 22.77 6.76
N LYS A 35 20.11 22.07 5.90
CA LYS A 35 20.72 22.68 4.72
C LYS A 35 19.67 22.92 3.67
N PRO A 36 19.48 24.19 3.26
CA PRO A 36 18.54 24.49 2.17
C PRO A 36 18.88 23.70 0.91
N ILE A 37 17.84 23.21 0.24
CA ILE A 37 18.02 22.56 -1.05
C ILE A 37 16.90 22.95 -2.00
N LYS A 38 17.27 23.40 -3.20
CA LYS A 38 16.27 23.80 -4.19
C LYS A 38 15.68 22.55 -4.85
N LEU A 39 14.35 22.49 -4.90
CA LEU A 39 13.67 21.30 -5.42
C LEU A 39 12.65 21.71 -6.47
N LEU A 40 12.23 20.72 -7.24
CA LEU A 40 11.08 20.83 -8.12
C LEU A 40 10.08 19.75 -7.69
N ALA A 41 8.81 20.10 -7.71
CA ALA A 41 7.76 19.14 -7.42
C ALA A 41 6.83 18.98 -8.62
N ASN A 42 6.27 17.77 -8.76
CA ASN A 42 5.31 17.51 -9.85
C ASN A 42 3.92 18.04 -9.54
N TYR A 43 3.92 19.30 -9.14
CA TYR A 43 2.73 20.09 -8.82
C TYR A 43 2.79 21.33 -9.71
N PHE A 44 1.70 21.59 -10.42
CA PHE A 44 1.67 22.67 -11.40
C PHE A 44 0.61 23.65 -10.96
N GLU A 45 1.00 24.92 -10.82
CA GLU A 45 0.07 25.92 -10.30
C GLU A 45 -1.14 26.10 -11.20
N VAL A 46 -2.31 26.18 -10.58
CA VAL A 46 -3.56 26.40 -11.31
C VAL A 46 -4.15 27.78 -10.95
N ASP A 47 -4.49 28.59 -11.96
CA ASP A 47 -5.17 29.87 -11.74
C ASP A 47 -6.65 29.65 -11.98
N ILE A 48 -7.51 30.06 -11.06
CA ILE A 48 -8.94 29.88 -11.28
C ILE A 48 -9.60 31.26 -11.29
N PRO A 49 -10.67 31.43 -12.08
CA PRO A 49 -11.41 32.68 -12.04
C PRO A 49 -12.22 32.76 -10.75
N LYS A 50 -12.41 33.97 -10.24
CA LYS A 50 -13.10 34.16 -8.96
C LYS A 50 -14.60 34.28 -9.20
N ILE A 51 -15.20 33.17 -9.59
CA ILE A 51 -16.57 33.17 -10.08
C ILE A 51 -17.39 32.08 -9.43
N ASP A 52 -18.70 32.16 -9.57
CA ASP A 52 -19.58 31.06 -9.23
C ASP A 52 -19.60 30.03 -10.35
N VAL A 53 -19.70 28.77 -9.95
CA VAL A 53 -19.90 27.65 -10.84
C VAL A 53 -21.19 26.95 -10.40
N TYR A 54 -21.92 26.36 -11.34
CA TYR A 54 -23.25 25.83 -11.06
C TYR A 54 -23.23 24.31 -11.05
N HIS A 55 -23.74 23.74 -9.96
CA HIS A 55 -23.71 22.30 -9.71
C HIS A 55 -25.12 21.72 -9.92
N TYR A 56 -25.24 20.77 -10.84
CA TYR A 56 -26.50 20.07 -11.12
C TYR A 56 -26.36 18.59 -10.82
N GLU A 57 -27.45 17.98 -10.39
CA GLU A 57 -27.49 16.57 -10.14
C GLU A 57 -28.10 15.87 -11.34
N VAL A 58 -27.47 14.80 -11.79
CA VAL A 58 -28.03 14.01 -12.88
C VAL A 58 -28.38 12.60 -12.38
N ASP A 59 -29.64 12.21 -12.60
CA ASP A 59 -30.08 10.90 -12.20
C ASP A 59 -30.39 10.11 -13.47
N ILE A 60 -29.64 9.03 -13.69
CA ILE A 60 -29.82 8.21 -14.87
C ILE A 60 -30.53 6.91 -14.51
N LYS A 61 -31.54 6.54 -15.29
CA LYS A 61 -32.21 5.25 -15.14
C LYS A 61 -32.12 4.52 -16.48
N PRO A 62 -31.57 3.31 -16.48
CA PRO A 62 -31.09 2.47 -15.37
C PRO A 62 -29.92 3.05 -14.57
N ASP A 63 -29.86 2.62 -13.31
CA ASP A 63 -29.15 3.31 -12.25
C ASP A 63 -27.69 2.90 -12.04
N LYS A 64 -27.35 1.67 -12.40
CA LYS A 64 -26.06 1.13 -12.03
C LYS A 64 -25.17 0.81 -13.24
N CYS A 65 -25.34 1.55 -14.32
CA CYS A 65 -24.46 1.41 -15.46
C CYS A 65 -23.04 1.84 -15.10
N PRO A 66 -22.03 1.31 -15.81
CA PRO A 66 -20.65 1.79 -15.66
C PRO A 66 -20.56 3.28 -15.89
N ARG A 67 -19.55 3.91 -15.31
CA ARG A 67 -19.39 5.36 -15.45
C ARG A 67 -19.20 5.70 -16.92
N ARG A 68 -18.51 4.83 -17.65
CA ARG A 68 -18.26 5.08 -19.07
C ARG A 68 -19.58 5.13 -19.84
N VAL A 69 -20.53 4.28 -19.49
CA VAL A 69 -21.86 4.35 -20.09
C VAL A 69 -22.61 5.63 -19.69
N ASN A 70 -22.57 5.99 -18.41
CA ASN A 70 -23.15 7.26 -17.97
C ASN A 70 -22.58 8.46 -18.74
N ARG A 71 -21.29 8.43 -19.02
CA ARG A 71 -20.66 9.53 -19.74
C ARG A 71 -21.17 9.60 -21.16
N GLU A 72 -21.38 8.43 -21.77
CA GLU A 72 -21.92 8.35 -23.11
C GLU A 72 -23.30 8.97 -23.14
N VAL A 73 -24.05 8.78 -22.06
CA VAL A 73 -25.43 9.27 -22.01
C VAL A 73 -25.43 10.78 -21.90
N VAL A 74 -24.59 11.33 -21.04
CA VAL A 74 -24.53 12.76 -20.87
C VAL A 74 -23.96 13.45 -22.11
N GLU A 75 -22.95 12.82 -22.73
CA GLU A 75 -22.40 13.35 -23.97
C GLU A 75 -23.47 13.45 -25.05
N TYR A 76 -24.31 12.42 -25.15
CA TYR A 76 -25.39 12.41 -26.12
C TYR A 76 -26.33 13.57 -25.84
N MET A 77 -26.67 13.76 -24.57
CA MET A 77 -27.63 14.80 -24.20
C MET A 77 -27.08 16.19 -24.47
N VAL A 78 -25.78 16.36 -24.24
CA VAL A 78 -25.18 17.67 -24.41
C VAL A 78 -25.14 18.05 -25.89
N GLN A 79 -24.96 17.06 -26.74
CA GLN A 79 -24.92 17.30 -28.17
C GLN A 79 -26.29 17.53 -28.75
N HIS A 80 -27.30 16.92 -28.15
CA HIS A 80 -28.64 16.92 -28.75
C HIS A 80 -29.65 17.86 -28.10
N PHE A 81 -29.24 18.56 -27.03
CA PHE A 81 -30.18 19.42 -26.31
C PHE A 81 -29.67 20.83 -26.00
N LYS A 82 -28.99 21.45 -26.97
CA LYS A 82 -28.53 22.83 -26.81
C LYS A 82 -29.66 23.85 -26.81
N ILE A 85 -31.55 23.27 -23.55
CA ILE A 85 -31.07 23.13 -22.18
C ILE A 85 -29.64 23.66 -21.99
N PHE A 86 -28.72 23.18 -22.82
CA PHE A 86 -27.30 23.45 -22.59
C PHE A 86 -26.75 24.68 -23.29
N GLY A 87 -27.47 25.18 -24.30
CA GLY A 87 -27.02 26.35 -25.04
C GLY A 87 -25.64 26.14 -25.64
N ASP A 88 -24.77 27.14 -25.52
CA ASP A 88 -23.43 27.01 -26.04
C ASP A 88 -22.45 26.56 -24.96
N ARG A 89 -22.98 26.17 -23.80
CA ARG A 89 -22.13 25.76 -22.68
C ARG A 89 -21.43 24.42 -22.92
N LYS A 90 -20.32 24.23 -22.22
CA LYS A 90 -19.58 22.98 -22.22
C LYS A 90 -19.56 22.48 -20.77
N PRO A 91 -20.54 21.66 -20.43
CA PRO A 91 -20.62 21.13 -19.06
C PRO A 91 -19.52 20.11 -18.83
N VAL A 92 -19.16 19.92 -17.56
CA VAL A 92 -18.26 18.87 -17.16
C VAL A 92 -18.98 17.90 -16.23
N TYR A 93 -18.50 16.65 -16.17
CA TYR A 93 -19.31 15.59 -15.57
C TYR A 93 -18.41 14.53 -14.92
N ASP A 94 -18.82 14.01 -13.77
CA ASP A 94 -17.98 13.05 -13.02
C ASP A 94 -18.32 11.59 -13.29
N GLY A 95 -19.21 11.35 -14.25
CA GLY A 95 -19.57 9.99 -14.62
C GLY A 95 -20.56 9.37 -13.67
N LYS A 96 -20.98 10.15 -12.68
CA LYS A 96 -21.95 9.68 -11.69
C LYS A 96 -23.15 10.64 -11.59
N LYS A 97 -23.20 11.41 -10.50
CA LYS A 97 -24.34 12.28 -10.24
C LYS A 97 -24.06 13.77 -10.53
N ASN A 98 -22.81 14.15 -10.75
CA ASN A 98 -22.46 15.57 -10.68
C ASN A 98 -22.07 16.20 -12.00
N ILE A 99 -22.88 17.15 -12.45
CA ILE A 99 -22.54 17.98 -13.60
C ILE A 99 -22.28 19.41 -13.17
N TYR A 100 -21.27 20.05 -13.76
CA TYR A 100 -21.04 21.47 -13.48
C TYR A 100 -21.05 22.30 -14.76
N THR A 101 -21.53 23.53 -14.65
CA THR A 101 -21.48 24.47 -15.77
C THR A 101 -20.99 25.85 -15.30
N VAL A 102 -20.43 26.63 -16.22
CA VAL A 102 -19.80 27.89 -15.85
C VAL A 102 -20.82 29.03 -15.74
N THR A 103 -21.98 28.85 -16.37
CA THR A 103 -23.11 29.75 -16.18
C THR A 103 -24.36 28.90 -15.96
N ALA A 104 -25.38 29.48 -15.34
CA ALA A 104 -26.58 28.72 -15.00
C ALA A 104 -27.29 28.17 -16.23
N LEU A 105 -27.85 26.97 -16.12
CA LEU A 105 -28.65 26.41 -17.19
C LEU A 105 -30.05 27.01 -17.10
N PRO A 106 -30.66 27.31 -18.27
CA PRO A 106 -31.99 27.94 -18.31
C PRO A 106 -33.12 27.04 -17.81
N ILE A 107 -32.98 26.51 -16.60
CA ILE A 107 -34.03 25.68 -16.01
C ILE A 107 -34.35 26.13 -14.58
N GLY A 108 -35.31 25.47 -13.94
CA GLY A 108 -35.76 25.88 -12.62
C GLY A 108 -35.05 25.18 -11.48
N GLU A 110 -35.83 21.26 -12.46
CA GLU A 110 -36.00 19.82 -12.63
C GLU A 110 -36.52 19.45 -14.03
N ARG A 111 -35.66 18.82 -14.83
CA ARG A 111 -36.00 18.43 -16.20
C ARG A 111 -35.82 16.94 -16.46
N VAL A 112 -36.79 16.33 -17.13
CA VAL A 112 -36.75 14.89 -17.34
C VAL A 112 -36.63 14.53 -18.81
N ASP A 113 -35.72 13.60 -19.11
CA ASP A 113 -35.38 13.30 -20.48
C ASP A 113 -35.57 11.81 -20.79
N PHE A 114 -35.81 11.50 -22.05
CA PHE A 114 -36.00 10.13 -22.49
C PHE A 114 -35.07 9.86 -23.66
N GLU A 115 -33.88 9.37 -23.37
CA GLU A 115 -32.82 9.23 -24.37
C GLU A 115 -32.75 7.86 -25.00
N VAL A 116 -32.67 7.81 -26.32
CA VAL A 116 -32.38 6.57 -27.04
C VAL A 116 -31.05 6.72 -27.78
N THR A 117 -30.03 5.99 -27.33
CA THR A 117 -28.69 6.14 -27.90
C THR A 117 -28.31 4.98 -28.81
N ARG A 125 -30.54 1.59 -26.98
CA ARG A 125 -30.53 1.65 -25.53
C ARG A 125 -31.25 2.89 -25.02
N ILE A 126 -32.30 2.67 -24.24
CA ILE A 126 -33.13 3.76 -23.77
C ILE A 126 -32.82 4.12 -22.32
N PHE A 127 -32.59 5.39 -22.07
CA PHE A 127 -32.32 5.88 -20.73
C PHE A 127 -33.32 6.95 -20.34
N LYS A 128 -33.69 6.97 -19.07
CA LYS A 128 -34.48 8.06 -18.50
C LYS A 128 -33.53 8.92 -17.68
N VAL A 129 -33.47 10.21 -18.00
CA VAL A 129 -32.52 11.09 -17.34
C VAL A 129 -33.22 12.29 -16.71
N SER A 130 -32.86 12.60 -15.47
CA SER A 130 -33.35 13.83 -14.86
C SER A 130 -32.18 14.70 -14.41
N ILE A 131 -32.33 16.00 -14.63
CA ILE A 131 -31.36 16.98 -14.19
C ILE A 131 -32.06 18.01 -13.33
N LYS A 132 -31.44 18.39 -12.21
CA LYS A 132 -31.94 19.49 -11.41
C LYS A 132 -30.80 20.23 -10.72
N TRP A 133 -30.98 21.53 -10.55
CA TRP A 133 -30.00 22.35 -9.86
C TRP A 133 -29.80 21.87 -8.43
N LEU A 134 -28.54 21.86 -7.99
CA LEU A 134 -28.21 21.40 -6.65
C LEU A 134 -27.58 22.52 -5.82
N ALA A 135 -26.67 23.27 -6.42
CA ALA A 135 -25.92 24.27 -5.65
C ALA A 135 -25.22 25.28 -6.51
N ILE A 136 -24.87 26.40 -5.90
CA ILE A 136 -23.87 27.29 -6.47
C ILE A 136 -22.60 27.12 -5.67
N VAL A 137 -21.50 26.91 -6.39
CA VAL A 137 -20.21 26.67 -5.77
C VAL A 137 -19.27 27.83 -6.06
N SER A 138 -18.65 28.37 -5.02
CA SER A 138 -17.88 29.61 -5.20
C SER A 138 -16.37 29.38 -5.33
N TRP A 139 -15.81 29.75 -6.48
CA TRP A 139 -14.37 29.71 -6.59
C TRP A 139 -13.73 30.97 -6.01
N ARG A 140 -14.52 32.03 -5.84
CA ARG A 140 -13.99 33.18 -5.11
C ARG A 140 -13.70 32.75 -3.67
N MET A 141 -14.63 32.02 -3.07
CA MET A 141 -14.41 31.53 -1.70
C MET A 141 -13.20 30.59 -1.65
N LEU A 142 -13.04 29.75 -2.66
CA LEU A 142 -11.85 28.87 -2.70
C LEU A 142 -10.58 29.70 -2.69
N HIS A 143 -10.48 30.65 -3.59
CA HIS A 143 -9.35 31.57 -3.64
C HIS A 143 -9.11 32.25 -2.28
N GLU A 144 -10.18 32.71 -1.63
CA GLU A 144 -10.03 33.40 -0.35
C GLU A 144 -9.44 32.47 0.73
N ALA A 145 -9.81 31.19 0.67
CA ALA A 145 -9.26 30.23 1.62
C ALA A 145 -7.76 30.05 1.39
N LEU A 146 -7.35 30.12 0.13
CA LEU A 146 -5.95 29.83 -0.24
C LEU A 146 -5.04 31.00 0.05
N VAL A 147 -5.56 32.22 -0.07
CA VAL A 147 -4.75 33.41 0.13
C VAL A 147 -4.76 33.94 1.56
N SER A 148 -5.86 33.71 2.29
CA SER A 148 -6.04 34.36 3.60
C SER A 148 -5.86 33.42 4.79
N GLY A 149 -6.21 32.15 4.63
CA GLY A 149 -6.05 31.20 5.73
C GLY A 149 -7.00 31.42 6.89
N GLN A 150 -8.10 32.14 6.65
CA GLN A 150 -9.04 32.48 7.71
C GLN A 150 -10.38 31.71 7.66
N ILE A 151 -10.55 30.87 6.63
CA ILE A 151 -11.74 30.04 6.52
C ILE A 151 -11.33 28.62 6.12
N PRO A 152 -12.21 27.62 6.37
CA PRO A 152 -11.94 26.27 5.87
C PRO A 152 -11.88 26.23 4.34
N VAL A 153 -11.09 25.31 3.77
CA VAL A 153 -11.09 25.14 2.32
C VAL A 153 -12.44 24.53 1.92
N PRO A 154 -13.14 25.17 0.97
CA PRO A 154 -14.46 24.64 0.60
C PRO A 154 -14.30 23.43 -0.32
N LEU A 155 -14.53 22.24 0.22
CA LEU A 155 -14.29 21.00 -0.53
C LEU A 155 -15.16 20.91 -1.77
N GLU A 156 -16.35 21.51 -1.70
CA GLU A 156 -17.26 21.45 -2.83
C GLU A 156 -16.70 22.25 -4.02
N SER A 157 -15.92 23.29 -3.71
CA SER A 157 -15.29 24.09 -4.77
C SER A 157 -14.12 23.36 -5.40
N VAL A 158 -13.33 22.69 -4.56
CA VAL A 158 -12.24 21.86 -5.05
C VAL A 158 -12.78 20.73 -5.94
N GLN A 159 -13.87 20.08 -5.50
CA GLN A 159 -14.45 18.99 -6.32
C GLN A 159 -14.85 19.50 -7.71
N ALA A 160 -15.50 20.66 -7.76
CA ALA A 160 -15.92 21.20 -9.06
C ALA A 160 -14.71 21.38 -9.97
N LEU A 161 -13.62 21.90 -9.40
CA LEU A 161 -12.40 22.13 -10.16
C LEU A 161 -11.78 20.82 -10.64
N ASP A 162 -11.70 19.84 -9.74
CA ASP A 162 -11.19 18.52 -10.10
C ASP A 162 -11.99 17.92 -11.26
N VAL A 163 -13.31 18.01 -11.17
CA VAL A 163 -14.18 17.47 -12.21
C VAL A 163 -13.96 18.16 -13.56
N ALA A 164 -13.85 19.49 -13.55
CA ALA A 164 -13.59 20.24 -14.78
C ALA A 164 -12.25 19.88 -15.42
N MET A 165 -11.20 19.73 -14.62
CA MET A 165 -9.88 19.50 -15.17
C MET A 165 -9.64 18.07 -15.65
N ARG A 166 -10.46 17.13 -15.21
CA ARG A 166 -10.29 15.75 -15.67
C ARG A 166 -11.36 15.28 -16.65
N HIS A 167 -12.29 16.16 -16.99
CA HIS A 167 -13.42 15.76 -17.86
C HIS A 167 -13.00 15.16 -19.19
N LEU A 168 -12.12 15.86 -19.90
CA LEU A 168 -11.74 15.43 -21.26
C LEU A 168 -10.92 14.14 -21.19
N ALA A 169 -9.99 14.07 -20.24
CA ALA A 169 -9.24 12.83 -20.03
C ALA A 169 -10.15 11.64 -19.76
N SER A 170 -11.23 11.88 -19.03
CA SER A 170 -12.14 10.80 -18.67
C SER A 170 -12.97 10.32 -19.87
N MET A 171 -13.05 11.17 -20.90
CA MET A 171 -13.71 10.81 -22.15
C MET A 171 -12.75 10.13 -23.13
N ARG A 172 -11.45 10.38 -22.99
CA ARG A 172 -10.44 9.90 -23.95
C ARG A 172 -9.77 8.61 -23.52
N TYR A 173 -9.57 8.46 -22.22
CA TYR A 173 -8.78 7.37 -21.68
C TYR A 173 -9.62 6.46 -20.78
N THR A 174 -8.96 5.43 -20.26
CA THR A 174 -9.58 4.54 -19.29
C THR A 174 -9.22 5.00 -17.88
N PRO A 175 -10.21 5.52 -17.15
CA PRO A 175 -9.99 5.98 -15.77
C PRO A 175 -9.85 4.78 -14.86
N VAL A 176 -8.89 4.83 -13.95
CA VAL A 176 -8.72 3.83 -12.92
C VAL A 176 -8.38 4.59 -11.65
N GLY A 177 -9.32 4.67 -10.71
CA GLY A 177 -9.15 5.55 -9.58
C GLY A 177 -8.88 6.95 -10.10
N ARG A 178 -7.83 7.60 -9.59
CA ARG A 178 -7.48 8.94 -10.05
C ARG A 178 -6.45 8.95 -11.19
N SER A 179 -6.24 7.80 -11.79
CA SER A 179 -5.34 7.68 -12.95
C SER A 179 -6.06 7.45 -14.26
N PHE A 180 -5.32 7.55 -15.36
CA PHE A 180 -5.87 7.33 -16.70
C PHE A 180 -4.90 6.46 -17.45
N PHE A 181 -5.41 5.48 -18.18
CA PHE A 181 -4.54 4.58 -18.94
C PHE A 181 -5.07 4.43 -20.36
N SER A 182 -4.21 3.96 -21.26
CA SER A 182 -4.62 3.68 -22.63
C SER A 182 -3.86 2.45 -23.11
N PRO A 183 -4.41 1.75 -24.12
CA PRO A 183 -3.78 0.53 -24.63
C PRO A 183 -2.34 0.74 -25.08
N PRO A 184 -1.47 -0.25 -24.83
CA PRO A 184 -0.06 -0.14 -25.20
C PRO A 184 0.10 0.20 -26.68
N GLU A 185 0.95 1.19 -26.96
CA GLU A 185 1.27 1.61 -28.30
C GLU A 185 2.79 1.82 -28.38
N GLY A 186 3.46 1.02 -29.18
CA GLY A 186 4.90 1.12 -29.31
C GLY A 186 5.68 0.43 -28.20
N TYR A 187 4.97 -0.16 -27.25
CA TYR A 187 5.61 -0.94 -26.19
C TYR A 187 4.81 -2.19 -25.89
N TYR A 188 5.45 -3.15 -25.25
CA TYR A 188 4.79 -4.40 -24.89
C TYR A 188 5.52 -4.99 -23.69
N HIS A 189 4.79 -5.11 -22.59
CA HIS A 189 5.36 -5.63 -21.36
C HIS A 189 4.47 -6.69 -20.76
N PRO A 190 4.46 -7.89 -21.38
CA PRO A 190 3.67 -8.99 -20.86
C PRO A 190 4.15 -9.42 -19.49
N LEU A 191 3.23 -9.79 -18.62
CA LEU A 191 3.59 -10.22 -17.29
C LEU A 191 3.47 -11.71 -17.14
N GLY A 192 3.04 -12.38 -18.20
CA GLY A 192 2.71 -13.79 -18.13
C GLY A 192 1.32 -13.93 -17.54
N GLY A 193 0.76 -15.12 -17.65
CA GLY A 193 -0.56 -15.39 -17.11
C GLY A 193 -1.68 -14.50 -17.64
N GLY A 194 -1.54 -14.03 -18.88
CA GLY A 194 -2.60 -13.30 -19.56
C GLY A 194 -2.71 -11.84 -19.14
N ARG A 195 -1.65 -11.34 -18.50
CA ARG A 195 -1.62 -9.95 -18.02
C ARG A 195 -0.49 -9.17 -18.68
N GLU A 196 -0.64 -7.84 -18.75
CA GLU A 196 0.39 -6.98 -19.32
C GLU A 196 0.35 -5.63 -18.63
N VAL A 197 1.37 -4.83 -18.83
CA VAL A 197 1.44 -3.49 -18.21
C VAL A 197 0.88 -2.42 -19.14
N TRP A 198 0.01 -1.56 -18.63
CA TRP A 198 -0.39 -0.38 -19.38
C TRP A 198 0.21 0.83 -18.66
N PHE A 199 0.72 1.78 -19.43
CA PHE A 199 1.25 3.03 -18.85
C PHE A 199 0.21 4.13 -18.92
N GLY A 200 0.25 5.06 -17.98
CA GLY A 200 -0.71 6.13 -17.98
C GLY A 200 -0.23 7.22 -17.06
N PHE A 201 -1.18 7.93 -16.45
CA PHE A 201 -0.80 8.96 -15.51
C PHE A 201 -1.83 9.17 -14.42
N HIS A 202 -1.37 9.69 -13.29
CA HIS A 202 -2.20 10.08 -12.18
C HIS A 202 -2.47 11.58 -12.29
N GLN A 203 -3.68 11.99 -11.99
CA GLN A 203 -4.00 13.42 -11.95
C GLN A 203 -4.85 13.71 -10.72
N SER A 204 -4.48 14.74 -9.94
CA SER A 204 -5.33 15.18 -8.83
C SER A 204 -5.13 16.67 -8.63
N VAL A 205 -6.09 17.33 -8.01
CA VAL A 205 -5.95 18.77 -7.71
C VAL A 205 -5.98 18.92 -6.20
N ARG A 206 -5.08 19.76 -5.66
CA ARG A 206 -4.95 19.83 -4.22
C ARG A 206 -4.78 21.30 -3.85
N PRO A 207 -5.34 21.72 -2.71
CA PRO A 207 -5.09 23.09 -2.26
C PRO A 207 -3.66 23.29 -1.75
N ALA A 208 -3.10 24.49 -1.99
CA ALA A 208 -1.83 24.87 -1.41
C ALA A 208 -1.97 26.35 -1.04
N MET A 209 -0.97 26.91 -0.39
CA MET A 209 -0.99 28.36 -0.19
CA MET A 209 -0.98 28.36 -0.19
C MET A 209 -1.07 29.06 -1.56
N TRP A 210 -1.92 30.09 -1.63
CA TRP A 210 -2.03 30.96 -2.82
C TRP A 210 -2.78 30.42 -4.03
N LYS A 211 -2.50 29.18 -4.42
CA LYS A 211 -3.09 28.61 -5.61
C LYS A 211 -3.37 27.12 -5.42
N MET A 212 -4.37 26.65 -6.16
CA MET A 212 -4.56 25.22 -6.37
C MET A 212 -3.39 24.65 -7.15
N MET A 213 -3.13 23.36 -6.92
CA MET A 213 -2.02 22.69 -7.57
C MET A 213 -2.55 21.46 -8.30
N LEU A 214 -2.08 21.27 -9.53
CA LEU A 214 -2.39 20.06 -10.29
C LEU A 214 -1.21 19.10 -10.12
N ASN A 215 -1.47 17.95 -9.51
CA ASN A 215 -0.44 16.94 -9.24
C ASN A 215 -0.51 15.92 -10.37
N ILE A 216 0.57 15.81 -11.16
CA ILE A 216 0.62 14.85 -12.28
C ILE A 216 1.81 13.92 -12.10
N ASP A 217 1.60 12.60 -12.20
CA ASP A 217 2.72 11.65 -12.11
C ASP A 217 2.49 10.58 -13.16
N VAL A 218 3.58 9.96 -13.62
CA VAL A 218 3.37 8.84 -14.55
C VAL A 218 2.98 7.65 -13.70
N SER A 219 2.25 6.71 -14.29
N SER A 219 2.23 6.71 -14.27
CA SER A 219 1.86 5.53 -13.55
CA SER A 219 1.85 5.53 -13.52
C SER A 219 1.85 4.31 -14.45
C SER A 219 1.74 4.33 -14.45
N ALA A 220 1.56 3.16 -13.86
CA ALA A 220 1.53 1.92 -14.63
C ALA A 220 0.77 0.89 -13.84
N THR A 221 -0.07 0.11 -14.51
CA THR A 221 -0.81 -0.89 -13.75
C THR A 221 -1.02 -2.07 -14.68
N ALA A 222 -1.37 -3.21 -14.10
CA ALA A 222 -1.57 -4.42 -14.88
C ALA A 222 -2.99 -4.50 -15.42
N PHE A 223 -3.12 -4.89 -16.70
CA PHE A 223 -4.40 -5.14 -17.33
C PHE A 223 -4.37 -6.55 -17.91
N TYR A 224 -5.54 -7.12 -18.17
CA TYR A 224 -5.57 -8.39 -18.89
C TYR A 224 -5.41 -8.15 -20.37
N LYS A 225 -4.62 -9.00 -21.04
CA LYS A 225 -4.42 -8.86 -22.46
C LYS A 225 -5.71 -9.13 -23.22
N ALA A 226 -5.94 -8.34 -24.27
CA ALA A 226 -7.07 -8.60 -25.15
C ALA A 226 -6.63 -9.70 -26.08
N GLN A 227 -7.02 -10.93 -25.77
CA GLN A 227 -6.62 -12.13 -26.53
C GLN A 227 -7.70 -13.22 -26.47
N PRO A 228 -7.60 -14.24 -27.32
CA PRO A 228 -8.59 -15.32 -27.25
C PRO A 228 -8.57 -16.03 -25.90
N VAL A 229 -9.73 -16.50 -25.46
CA VAL A 229 -9.81 -17.19 -24.18
C VAL A 229 -8.90 -18.45 -24.12
N ILE A 230 -8.80 -19.16 -25.23
CA ILE A 230 -7.90 -20.32 -25.27
C ILE A 230 -6.44 -19.92 -25.01
N GLU A 231 -6.03 -18.78 -25.55
CA GLU A 231 -4.67 -18.28 -25.30
C GLU A 231 -4.46 -17.83 -23.85
N PHE A 232 -5.46 -17.16 -23.30
CA PHE A 232 -5.44 -16.76 -21.88
C PHE A 232 -5.34 -18.04 -21.02
N MET A 233 -6.13 -19.05 -21.37
CA MET A 233 -6.10 -20.32 -20.64
C MET A 233 -4.71 -20.96 -20.67
N CYS A 234 -4.08 -20.97 -21.84
CA CYS A 234 -2.75 -21.55 -21.96
C CYS A 234 -1.71 -20.76 -21.16
N GLU A 235 -1.83 -19.43 -21.14
CA GLU A 235 -0.87 -18.67 -20.35
C GLU A 235 -1.03 -19.00 -18.86
N VAL A 236 -2.27 -19.00 -18.39
CA VAL A 236 -2.60 -19.28 -17.00
C VAL A 236 -2.17 -20.71 -16.58
N LEU A 237 -2.34 -21.67 -17.49
CA LEU A 237 -2.02 -23.05 -17.15
C LEU A 237 -0.58 -23.47 -17.53
N ASP A 238 0.19 -22.52 -18.06
CA ASP A 238 1.54 -22.80 -18.56
C ASP A 238 1.53 -23.91 -19.61
N ILE A 239 0.57 -23.85 -20.52
CA ILE A 239 0.48 -24.79 -21.63
C ILE A 239 1.19 -24.21 -22.85
N ARG A 240 2.12 -24.98 -23.39
CA ARG A 240 2.91 -24.55 -24.53
C ARG A 240 2.04 -24.22 -25.74
N GLN A 245 -0.84 -32.45 -27.29
CA GLN A 245 -1.59 -33.69 -27.15
C GLN A 245 -2.95 -33.39 -26.52
N PRO A 246 -3.90 -32.94 -27.35
CA PRO A 246 -5.17 -32.40 -26.84
C PRO A 246 -5.94 -33.38 -25.96
N LYS A 247 -6.25 -32.95 -24.73
CA LYS A 247 -6.98 -33.77 -23.79
C LYS A 247 -7.81 -32.87 -22.87
N PRO A 248 -8.82 -33.44 -22.18
CA PRO A 248 -9.58 -32.59 -21.27
C PRO A 248 -8.69 -32.03 -20.16
N LEU A 249 -9.09 -30.91 -19.57
CA LEU A 249 -8.35 -30.37 -18.45
C LEU A 249 -8.46 -31.31 -17.26
N THR A 250 -7.37 -31.47 -16.50
CA THR A 250 -7.44 -32.20 -15.25
C THR A 250 -8.28 -31.36 -14.29
N ASP A 251 -8.74 -31.99 -13.21
CA ASP A 251 -9.50 -31.28 -12.18
C ASP A 251 -8.72 -30.09 -11.61
N SER A 252 -7.44 -30.29 -11.34
CA SER A 252 -6.59 -29.20 -10.87
C SER A 252 -6.54 -28.04 -11.89
N GLN A 253 -6.25 -28.38 -13.14
CA GLN A 253 -6.18 -27.37 -14.20
C GLN A 253 -7.46 -26.57 -14.34
N ARG A 254 -8.61 -27.23 -14.20
CA ARG A 254 -9.88 -26.55 -14.37
C ARG A 254 -10.15 -25.57 -13.23
N VAL A 255 -9.90 -26.00 -12.00
CA VAL A 255 -10.07 -25.14 -10.84
C VAL A 255 -9.15 -23.93 -10.94
N ARG A 256 -7.94 -24.15 -11.44
CA ARG A 256 -6.95 -23.10 -11.62
C ARG A 256 -7.44 -22.07 -12.64
N PHE A 257 -7.88 -22.58 -13.79
CA PHE A 257 -8.38 -21.75 -14.87
C PHE A 257 -9.62 -20.97 -14.42
N THR A 258 -10.52 -21.65 -13.71
CA THR A 258 -11.73 -21.00 -13.18
C THR A 258 -11.44 -19.82 -12.24
N LYS A 259 -10.52 -20.00 -11.32
CA LYS A 259 -10.18 -18.91 -10.40
C LYS A 259 -9.66 -17.66 -11.11
N GLU A 260 -8.97 -17.87 -12.23
CA GLU A 260 -8.38 -16.77 -12.99
C GLU A 260 -9.40 -16.06 -13.90
N ILE A 261 -10.34 -16.82 -14.48
CA ILE A 261 -11.27 -16.21 -15.43
C ILE A 261 -12.62 -15.84 -14.84
N LYS A 262 -13.01 -16.44 -13.72
CA LYS A 262 -14.27 -16.06 -13.08
C LYS A 262 -14.33 -14.56 -12.79
N GLY A 263 -15.38 -13.91 -13.27
CA GLY A 263 -15.59 -12.49 -13.01
C GLY A 263 -15.11 -11.57 -14.12
N LEU A 264 -14.42 -12.13 -15.10
CA LEU A 264 -13.96 -11.33 -16.23
C LEU A 264 -15.02 -11.26 -17.34
N LYS A 265 -14.94 -10.22 -18.15
CA LYS A 265 -15.80 -10.09 -19.31
C LYS A 265 -15.15 -10.72 -20.55
N VAL A 266 -15.97 -11.41 -21.32
CA VAL A 266 -15.56 -11.95 -22.60
C VAL A 266 -16.53 -11.48 -23.68
N GLU A 267 -16.06 -11.54 -24.92
CA GLU A 267 -16.85 -11.14 -26.08
C GLU A 267 -16.86 -12.31 -27.03
N VAL A 268 -17.99 -12.53 -27.71
CA VAL A 268 -18.09 -13.71 -28.58
C VAL A 268 -17.79 -13.34 -30.03
N THR A 269 -17.33 -14.32 -30.80
CA THR A 269 -16.87 -14.03 -32.15
C THR A 269 -17.70 -14.73 -33.22
N HIS A 270 -18.72 -15.48 -32.83
CA HIS A 270 -19.42 -16.34 -33.79
C HIS A 270 -20.65 -15.66 -34.38
N CYS A 271 -20.92 -14.44 -33.94
CA CYS A 271 -22.07 -13.67 -34.42
C CYS A 271 -21.64 -12.39 -35.12
N GLY A 272 -20.54 -12.46 -35.86
CA GLY A 272 -20.06 -11.32 -36.62
C GLY A 272 -19.33 -10.27 -35.82
N LYS A 275 -19.95 -8.30 -31.55
CA LYS A 275 -19.37 -9.15 -30.51
C LYS A 275 -19.99 -8.86 -29.14
N ARG A 276 -21.12 -9.51 -28.87
CA ARG A 276 -21.78 -9.42 -27.57
C ARG A 276 -20.82 -9.75 -26.43
N LYS A 277 -20.92 -8.98 -25.35
CA LYS A 277 -20.10 -9.18 -24.16
C LYS A 277 -20.88 -9.98 -23.11
N TYR A 278 -20.17 -10.78 -22.33
CA TYR A 278 -20.79 -11.53 -21.24
C TYR A 278 -19.83 -11.50 -20.05
N ARG A 279 -20.34 -11.68 -18.85
CA ARG A 279 -19.44 -11.83 -17.69
C ARG A 279 -19.39 -13.30 -17.29
N VAL A 280 -18.19 -13.80 -17.03
CA VAL A 280 -18.02 -15.21 -16.71
C VAL A 280 -18.36 -15.48 -15.25
N CYS A 281 -19.31 -16.37 -14.99
CA CYS A 281 -19.63 -16.68 -13.59
C CYS A 281 -19.13 -18.05 -13.13
N ASN A 282 -18.81 -18.92 -14.08
CA ASN A 282 -18.22 -20.21 -13.75
C ASN A 282 -17.58 -20.85 -14.98
N VAL A 283 -16.91 -21.98 -14.77
CA VAL A 283 -16.41 -22.81 -15.87
C VAL A 283 -17.02 -24.20 -15.67
N THR A 284 -17.56 -24.79 -16.72
CA THR A 284 -18.27 -26.05 -16.58
C THR A 284 -17.35 -27.21 -16.22
N ARG A 285 -17.90 -28.18 -15.48
CA ARG A 285 -17.16 -29.38 -15.13
C ARG A 285 -17.02 -30.22 -16.38
N ARG A 286 -18.10 -30.28 -17.15
CA ARG A 286 -18.13 -31.09 -18.36
C ARG A 286 -17.54 -30.34 -19.55
N PRO A 287 -16.89 -31.08 -20.48
CA PRO A 287 -16.43 -30.51 -21.75
C PRO A 287 -17.62 -30.12 -22.62
N ALA A 288 -17.40 -29.21 -23.56
CA ALA A 288 -18.44 -28.80 -24.51
C ALA A 288 -19.15 -29.97 -25.20
N SER A 289 -18.42 -31.06 -25.38
CA SER A 289 -18.98 -32.24 -26.05
C SER A 289 -20.10 -32.87 -25.23
N HIS A 290 -20.10 -32.63 -23.92
CA HIS A 290 -21.01 -33.36 -23.03
C HIS A 290 -21.89 -32.44 -22.17
N GLN A 291 -21.50 -31.18 -22.02
CA GLN A 291 -22.30 -30.22 -21.27
C GLN A 291 -23.61 -30.01 -22.02
N THR A 292 -24.75 -30.21 -21.33
CA THR A 292 -26.07 -30.01 -21.95
C THR A 292 -26.84 -28.84 -21.35
N PHE A 293 -27.82 -28.35 -22.11
CA PHE A 293 -28.76 -27.36 -21.62
C PHE A 293 -30.14 -27.73 -22.17
N PRO A 294 -31.22 -27.27 -21.51
CA PRO A 294 -32.54 -27.64 -22.02
C PRO A 294 -32.96 -26.79 -23.23
N LEU A 295 -33.18 -27.46 -24.34
CA LEU A 295 -33.59 -26.80 -25.58
C LEU A 295 -35.01 -27.19 -25.95
N GLN A 296 -35.89 -26.20 -26.06
CA GLN A 296 -37.25 -26.49 -26.51
C GLN A 296 -37.32 -26.56 -28.04
N LEU A 297 -37.84 -27.67 -28.55
CA LEU A 297 -37.99 -27.89 -29.99
C LEU A 297 -39.32 -27.32 -30.48
N GLU A 298 -39.48 -27.28 -31.80
CA GLU A 298 -40.71 -26.85 -32.46
C GLU A 298 -41.91 -27.68 -31.96
N SER A 299 -41.66 -28.98 -31.76
CA SER A 299 -42.70 -29.92 -31.35
C SER A 299 -43.26 -29.64 -29.96
N GLY A 300 -42.61 -28.72 -29.25
CA GLY A 300 -42.95 -28.44 -27.87
C GLY A 300 -42.13 -29.26 -26.90
N GLN A 301 -41.52 -30.35 -27.37
CA GLN A 301 -40.70 -31.16 -26.46
C GLN A 301 -39.43 -30.43 -26.12
N THR A 302 -38.95 -30.62 -24.90
CA THR A 302 -37.69 -30.04 -24.47
C THR A 302 -36.65 -31.14 -24.37
N VAL A 303 -35.49 -30.91 -24.94
CA VAL A 303 -34.45 -31.94 -24.95
C VAL A 303 -33.16 -31.42 -24.34
N GLU A 304 -32.34 -32.32 -23.81
CA GLU A 304 -31.01 -31.94 -23.34
C GLU A 304 -30.03 -31.94 -24.51
N CYS A 305 -29.68 -30.75 -24.97
CA CYS A 305 -28.81 -30.58 -26.13
C CYS A 305 -27.41 -30.21 -25.66
N THR A 306 -26.38 -30.81 -26.24
CA THR A 306 -25.02 -30.44 -25.84
C THR A 306 -24.61 -29.13 -26.49
N VAL A 307 -23.62 -28.48 -25.87
CA VAL A 307 -23.13 -27.21 -26.38
C VAL A 307 -22.54 -27.40 -27.76
N ALA A 308 -21.79 -28.48 -27.96
CA ALA A 308 -21.19 -28.72 -29.26
C ALA A 308 -22.27 -28.93 -30.36
N GLN A 309 -23.29 -29.73 -30.06
CA GLN A 309 -24.38 -29.97 -31.01
C GLN A 309 -25.08 -28.67 -31.39
N TYR A 310 -25.29 -27.82 -30.39
CA TYR A 310 -26.03 -26.58 -30.61
C TYR A 310 -25.22 -25.65 -31.51
N PHE A 311 -23.93 -25.53 -31.23
CA PHE A 311 -23.10 -24.68 -32.09
C PHE A 311 -23.02 -25.20 -33.52
N LYS A 312 -23.07 -26.52 -33.67
CA LYS A 312 -23.04 -27.09 -35.00
C LYS A 312 -24.33 -26.80 -35.79
N GLN A 313 -25.48 -26.93 -35.14
CA GLN A 313 -26.73 -26.80 -35.88
C GLN A 313 -27.09 -25.35 -36.11
N LYS A 314 -26.87 -24.53 -35.09
CA LYS A 314 -27.28 -23.12 -35.12
C LYS A 314 -26.32 -22.26 -35.95
N TYR A 315 -25.02 -22.48 -35.79
CA TYR A 315 -24.02 -21.58 -36.37
C TYR A 315 -23.16 -22.28 -37.41
N ASN A 316 -23.47 -23.54 -37.68
CA ASN A 316 -22.63 -24.38 -38.52
C ASN A 316 -21.18 -24.35 -38.09
N LEU A 317 -20.98 -24.32 -36.78
CA LEU A 317 -19.65 -24.23 -36.22
C LEU A 317 -19.27 -25.57 -35.62
N GLN A 318 -18.27 -26.18 -36.23
CA GLN A 318 -17.64 -27.38 -35.72
C GLN A 318 -16.55 -26.95 -34.74
N LEU A 319 -16.74 -27.24 -33.44
CA LEU A 319 -15.74 -26.83 -32.45
C LEU A 319 -14.43 -27.57 -32.68
N LYS A 320 -13.33 -26.86 -32.57
CA LYS A 320 -12.00 -27.46 -32.67
C LYS A 320 -11.57 -28.09 -31.35
N TYR A 321 -12.09 -27.58 -30.24
CA TYR A 321 -11.70 -28.14 -28.94
C TYR A 321 -12.89 -28.61 -28.12
N PRO A 322 -13.61 -29.63 -28.61
CA PRO A 322 -14.84 -29.94 -27.87
C PRO A 322 -14.54 -30.61 -26.52
N HIS A 323 -13.28 -30.97 -26.32
CA HIS A 323 -12.84 -31.60 -25.08
C HIS A 323 -12.57 -30.56 -23.97
N LEU A 324 -12.61 -29.28 -24.30
CA LEU A 324 -12.44 -28.21 -23.31
C LEU A 324 -13.77 -27.80 -22.71
N PRO A 325 -13.74 -27.28 -21.47
CA PRO A 325 -14.99 -26.91 -20.82
C PRO A 325 -15.61 -25.65 -21.47
N CYS A 326 -16.75 -25.24 -20.94
CA CYS A 326 -17.41 -24.04 -21.42
C CYS A 326 -17.36 -23.00 -20.35
N LEU A 327 -17.51 -21.74 -20.75
CA LEU A 327 -17.68 -20.67 -19.80
C LEU A 327 -19.16 -20.56 -19.52
N GLN A 328 -19.54 -20.59 -18.25
CA GLN A 328 -20.91 -20.27 -17.92
C GLN A 328 -21.00 -18.77 -17.69
N VAL A 329 -21.94 -18.12 -18.37
CA VAL A 329 -22.08 -16.67 -18.29
C VAL A 329 -23.49 -16.25 -17.87
N GLY A 330 -23.67 -14.96 -17.61
CA GLY A 330 -24.98 -14.44 -17.25
C GLY A 330 -25.47 -14.96 -15.91
N HIS A 335 -28.73 -21.06 -17.94
CA HIS A 335 -27.87 -22.14 -18.43
C HIS A 335 -27.21 -21.75 -19.75
N THR A 336 -26.52 -20.61 -19.71
CA THR A 336 -25.86 -20.06 -20.88
C THR A 336 -24.39 -20.45 -20.87
N TYR A 337 -24.00 -21.32 -21.80
CA TYR A 337 -22.62 -21.83 -21.84
C TYR A 337 -21.95 -21.47 -23.15
N LEU A 338 -20.72 -20.92 -23.06
CA LEU A 338 -19.96 -20.53 -24.24
C LEU A 338 -18.71 -21.39 -24.40
N PRO A 339 -18.53 -22.02 -25.57
CA PRO A 339 -17.29 -22.76 -25.75
C PRO A 339 -16.10 -21.77 -25.75
N LEU A 340 -14.96 -22.20 -25.23
CA LEU A 340 -13.84 -21.27 -25.01
C LEU A 340 -13.42 -20.66 -26.34
N GLU A 341 -13.50 -21.45 -27.40
CA GLU A 341 -12.96 -20.98 -28.67
C GLU A 341 -13.78 -19.91 -29.39
N VAL A 342 -14.98 -19.60 -28.89
CA VAL A 342 -15.71 -18.50 -29.51
C VAL A 342 -15.61 -17.21 -28.68
N CYS A 343 -14.76 -17.24 -27.68
CA CYS A 343 -14.61 -16.09 -26.79
C CYS A 343 -13.24 -15.43 -26.81
N ASN A 344 -13.23 -14.10 -26.73
CA ASN A 344 -12.03 -13.30 -26.44
C ASN A 344 -12.14 -12.59 -25.10
N ILE A 345 -11.01 -12.38 -24.45
CA ILE A 345 -11.00 -11.50 -23.28
C ILE A 345 -11.23 -10.07 -23.76
N VAL A 346 -12.22 -9.41 -23.15
CA VAL A 346 -12.55 -8.03 -23.50
C VAL A 346 -11.41 -7.12 -23.07
N ALA A 347 -11.07 -6.20 -23.95
CA ALA A 347 -9.96 -5.25 -23.72
C ALA A 347 -10.26 -4.28 -22.61
N GLY A 348 -9.20 -3.78 -21.96
CA GLY A 348 -9.31 -2.68 -21.02
C GLY A 348 -9.78 -3.09 -19.63
N GLN A 349 -9.60 -4.36 -19.27
CA GLN A 349 -9.94 -4.80 -17.90
C GLN A 349 -8.71 -4.76 -17.00
N ARG A 350 -8.74 -3.90 -16.00
CA ARG A 350 -7.61 -3.85 -15.09
C ARG A 350 -7.56 -5.11 -14.24
N CYS A 351 -6.35 -5.59 -13.99
CA CYS A 351 -6.19 -6.78 -13.19
C CYS A 351 -6.20 -6.36 -11.71
N ILE A 352 -7.19 -6.86 -10.98
CA ILE A 352 -7.39 -6.51 -9.58
C ILE A 352 -6.73 -7.54 -8.67
N LYS A 353 -6.69 -8.78 -9.14
CA LYS A 353 -6.06 -9.87 -8.41
C LYS A 353 -4.58 -9.62 -8.20
N LYS A 354 -4.07 -10.06 -7.06
CA LYS A 354 -2.65 -9.96 -6.76
C LYS A 354 -1.81 -10.67 -7.82
N LEU A 355 -0.62 -10.13 -8.07
CA LEU A 355 0.32 -10.70 -9.03
C LEU A 355 1.23 -11.70 -8.34
N THR A 356 1.67 -12.70 -9.08
CA THR A 356 2.66 -13.65 -8.58
C THR A 356 3.99 -12.91 -8.36
N ASP A 357 4.90 -13.53 -7.64
CA ASP A 357 6.19 -12.89 -7.32
C ASP A 357 6.94 -12.52 -8.60
N ASN A 358 6.88 -13.40 -9.59
CA ASN A 358 7.50 -13.18 -10.88
C ASN A 358 6.85 -12.01 -11.62
N GLN A 359 5.52 -12.03 -11.67
CA GLN A 359 4.77 -10.96 -12.31
C GLN A 359 5.09 -9.61 -11.68
N THR A 360 5.10 -9.59 -10.35
CA THR A 360 5.42 -8.38 -9.59
C THR A 360 6.85 -7.90 -9.88
N SER A 361 7.78 -8.84 -9.92
CA SER A 361 9.16 -8.53 -10.21
C SER A 361 9.31 -8.00 -11.63
N THR A 362 8.61 -8.64 -12.58
CA THR A 362 8.68 -8.20 -13.97
C THR A 362 8.13 -6.79 -14.13
N MET A 363 7.00 -6.52 -13.48
CA MET A 363 6.36 -5.23 -13.60
C MET A 363 7.19 -4.11 -12.97
N ILE A 364 7.81 -4.39 -11.83
CA ILE A 364 8.66 -3.39 -11.20
C ILE A 364 9.83 -3.03 -12.10
N LYS A 365 10.41 -4.06 -12.73
CA LYS A 365 11.51 -3.88 -13.67
C LYS A 365 11.11 -2.98 -14.84
N ALA A 366 10.00 -3.31 -15.49
CA ALA A 366 9.54 -2.57 -16.66
C ALA A 366 9.12 -1.13 -16.35
N THR A 367 8.78 -0.87 -15.10
CA THR A 367 8.22 0.43 -14.72
C THR A 367 9.14 1.33 -13.90
N ALA A 368 10.25 0.79 -13.40
CA ALA A 368 11.21 1.62 -12.65
C ALA A 368 11.85 2.68 -13.55
N ARG A 369 11.98 3.89 -13.03
CA ARG A 369 12.59 5.01 -13.73
C ARG A 369 13.43 5.79 -12.73
N SER A 370 14.65 6.18 -13.12
CA SER A 370 15.45 7.10 -12.31
C SER A 370 14.65 8.38 -12.07
N ALA A 371 15.01 9.13 -11.04
CA ALA A 371 14.31 10.39 -10.79
C ALA A 371 14.43 11.37 -11.97
N PRO A 372 15.64 11.54 -12.54
CA PRO A 372 15.69 12.46 -13.67
C PRO A 372 14.89 11.97 -14.86
N ASP A 373 14.84 10.66 -15.10
CA ASP A 373 14.00 10.16 -16.19
C ASP A 373 12.50 10.39 -15.93
N ARG A 374 12.08 10.18 -14.69
CA ARG A 374 10.68 10.38 -14.32
C ARG A 374 10.33 11.85 -14.47
N GLN A 375 11.25 12.69 -14.04
CA GLN A 375 11.07 14.13 -14.12
C GLN A 375 10.82 14.52 -15.58
N GLU A 376 11.61 13.95 -16.47
CA GLU A 376 11.49 14.26 -17.90
C GLU A 376 10.16 13.72 -18.47
N GLU A 377 9.75 12.54 -18.02
CA GLU A 377 8.52 11.93 -18.53
C GLU A 377 7.32 12.76 -18.11
N ILE A 378 7.34 13.23 -16.86
CA ILE A 378 6.28 14.11 -16.39
C ILE A 378 6.26 15.43 -17.17
N SER A 379 7.43 16.02 -17.36
CA SER A 379 7.50 17.30 -18.08
C SER A 379 7.00 17.13 -19.51
N ARG A 380 7.35 16.00 -20.11
CA ARG A 380 6.94 15.67 -21.48
C ARG A 380 5.42 15.47 -21.56
N LEU A 381 4.89 14.77 -20.56
CA LEU A 381 3.46 14.53 -20.49
C LEU A 381 2.68 15.84 -20.44
N MET A 382 3.12 16.76 -19.59
CA MET A 382 2.48 18.07 -19.46
C MET A 382 2.45 18.82 -20.80
N LYS A 383 3.56 18.79 -21.53
CA LYS A 383 3.62 19.45 -22.83
C LYS A 383 2.63 18.86 -23.83
N ASN A 384 2.65 17.54 -23.95
CA ASN A 384 1.74 16.85 -24.87
C ASN A 384 0.28 16.98 -24.46
N ALA A 385 0.03 17.26 -23.18
CA ALA A 385 -1.35 17.35 -22.70
C ALA A 385 -2.02 18.66 -23.11
N SER A 386 -1.22 19.72 -23.25
CA SER A 386 -1.73 21.06 -23.55
C SER A 386 -2.99 21.40 -22.73
N TYR A 387 -2.88 21.32 -21.41
CA TYR A 387 -4.03 21.65 -20.53
C TYR A 387 -4.72 22.96 -20.89
N ASN A 388 -3.94 23.96 -21.28
CA ASN A 388 -4.49 25.29 -21.59
C ASN A 388 -5.28 25.34 -22.89
N LEU A 389 -5.14 24.31 -23.73
CA LEU A 389 -5.91 24.19 -24.96
C LEU A 389 -7.14 23.26 -24.84
N ASP A 390 -7.32 22.64 -23.68
CA ASP A 390 -8.49 21.80 -23.39
C ASP A 390 -9.73 22.72 -23.35
N PRO A 391 -10.76 22.43 -24.14
CA PRO A 391 -11.90 23.35 -24.25
C PRO A 391 -12.75 23.47 -22.98
N TYR A 392 -12.71 22.45 -22.12
CA TYR A 392 -13.44 22.49 -20.85
C TYR A 392 -12.70 23.36 -19.88
N ILE A 393 -11.37 23.23 -19.90
CA ILE A 393 -10.53 24.08 -19.08
C ILE A 393 -10.66 25.53 -19.54
N GLN A 394 -10.70 25.75 -20.85
CA GLN A 394 -10.97 27.09 -21.39
C GLN A 394 -12.36 27.63 -21.03
N GLU A 395 -13.38 26.77 -21.10
CA GLU A 395 -14.75 27.13 -20.72
C GLU A 395 -14.81 27.67 -19.31
N PHE A 396 -14.07 27.04 -18.39
CA PHE A 396 -14.10 27.44 -17.00
C PHE A 396 -13.04 28.48 -16.63
N GLY A 397 -12.37 29.03 -17.62
CA GLY A 397 -11.44 30.14 -17.41
C GLY A 397 -10.20 29.75 -16.60
N ILE A 398 -9.88 28.46 -16.62
CA ILE A 398 -8.75 27.92 -15.86
C ILE A 398 -7.45 28.04 -16.66
N LYS A 399 -6.33 28.31 -15.97
CA LYS A 399 -5.01 28.25 -16.59
C LYS A 399 -4.06 27.43 -15.72
N VAL A 400 -3.17 26.69 -16.37
CA VAL A 400 -2.22 25.79 -15.69
C VAL A 400 -0.82 26.19 -16.11
N LYS A 401 0.08 26.34 -15.15
CA LYS A 401 1.48 26.65 -15.45
C LYS A 401 2.13 25.37 -15.98
N ASP A 402 3.00 25.45 -16.98
CA ASP A 402 3.49 24.21 -17.57
C ASP A 402 4.82 23.74 -16.97
N ASP A 403 5.39 24.54 -16.09
CA ASP A 403 6.63 24.17 -15.38
C ASP A 403 6.36 23.70 -13.97
N MET A 404 7.17 22.74 -13.51
CA MET A 404 7.08 22.26 -12.13
C MET A 404 7.29 23.38 -11.12
N THR A 405 6.55 23.28 -10.02
CA THR A 405 6.66 24.27 -8.94
C THR A 405 8.02 24.21 -8.24
N GLU A 406 8.62 25.36 -8.01
CA GLU A 406 9.92 25.40 -7.32
C GLU A 406 9.67 25.48 -5.83
N VAL A 407 10.38 24.67 -5.05
CA VAL A 407 10.24 24.76 -3.60
C VAL A 407 11.61 24.60 -2.95
N THR A 408 11.93 25.45 -1.96
CA THR A 408 13.15 25.25 -1.21
C THR A 408 12.84 24.41 0.01
N GLY A 409 13.42 23.22 0.02
CA GLY A 409 13.33 22.28 1.12
C GLY A 409 14.56 22.41 2.00
N ARG A 410 14.66 21.57 3.02
CA ARG A 410 15.83 21.57 3.87
C ARG A 410 16.28 20.13 4.10
N VAL A 411 17.58 19.89 4.13
CA VAL A 411 18.06 18.54 4.47
C VAL A 411 18.32 18.51 5.98
N LEU A 412 17.50 17.77 6.72
CA LEU A 412 17.64 17.67 8.18
C LEU A 412 18.94 16.98 8.58
N PRO A 413 19.50 17.35 9.76
CA PRO A 413 20.68 16.61 10.21
C PRO A 413 20.30 15.23 10.74
N ALA A 414 21.13 14.23 10.42
CA ALA A 414 20.84 12.88 10.85
C ALA A 414 21.39 12.73 12.26
N PRO A 415 20.72 11.92 13.09
CA PRO A 415 21.20 11.69 14.44
C PRO A 415 22.40 10.75 14.46
N ILE A 416 23.15 10.82 15.54
CA ILE A 416 24.25 9.88 15.79
C ILE A 416 23.67 8.73 16.59
N LEU A 417 24.07 7.51 16.22
CA LEU A 417 23.69 6.30 16.96
C LEU A 417 24.80 5.90 17.93
N GLN A 418 24.38 5.53 19.14
CA GLN A 418 25.29 5.07 20.18
C GLN A 418 25.30 3.54 20.26
N TYR A 419 26.48 2.97 20.09
CA TYR A 419 26.69 1.53 20.25
C TYR A 419 27.33 1.23 21.63
N GLY A 420 27.50 -0.05 21.94
CA GLY A 420 27.99 -0.46 23.25
C GLY A 420 29.30 -1.24 23.21
N GLY A 421 29.39 -2.29 24.02
CA GLY A 421 30.62 -3.05 24.13
C GLY A 421 31.75 -2.25 24.76
N ARG A 422 32.99 -2.71 24.66
CA ARG A 422 34.08 -1.99 25.32
C ARG A 422 34.40 -0.68 24.60
N ASN A 423 34.17 -0.68 23.30
CA ASN A 423 34.39 0.42 22.36
C ASN A 423 33.46 1.64 22.60
N ARG A 424 32.21 1.34 22.90
CA ARG A 424 31.14 2.35 22.96
C ARG A 424 31.20 3.29 21.76
N ALA A 425 31.36 2.68 20.60
CA ALA A 425 31.44 3.44 19.34
C ALA A 425 30.17 4.24 19.00
N ILE A 426 30.33 5.33 18.23
CA ILE A 426 29.15 5.98 17.65
C ILE A 426 29.13 5.73 16.15
N ALA A 427 27.96 5.86 15.54
CA ALA A 427 27.79 5.77 14.10
C ALA A 427 27.18 7.08 13.62
N THR A 428 27.76 7.62 12.55
CA THR A 428 27.29 8.88 11.96
C THR A 428 26.78 8.54 10.57
N PRO A 429 25.46 8.60 10.37
CA PRO A 429 24.88 8.25 9.07
C PRO A 429 25.47 9.15 7.98
N ASN A 430 25.71 8.57 6.81
CA ASN A 430 26.20 9.33 5.66
C ASN A 430 25.35 8.88 4.48
N GLN A 431 24.68 9.82 3.84
CA GLN A 431 23.74 9.50 2.78
C GLN A 431 22.75 8.43 3.20
N GLY A 432 22.30 8.52 4.45
CA GLY A 432 21.23 7.68 4.95
C GLY A 432 21.66 6.29 5.40
N VAL A 433 22.96 6.03 5.45
CA VAL A 433 23.47 4.68 5.73
CA VAL A 433 23.40 4.68 5.83
C VAL A 433 24.61 4.70 6.76
N TRP A 434 24.76 3.62 7.52
CA TRP A 434 25.98 3.47 8.31
C TRP A 434 26.27 1.99 8.36
N ASP A 435 27.30 1.59 9.10
CA ASP A 435 27.56 0.15 9.21
C ASP A 435 28.03 -0.24 10.61
N MET A 436 28.29 -1.54 10.79
CA MET A 436 28.60 -2.14 12.07
C MET A 436 30.10 -2.30 12.29
N ARG A 437 30.92 -1.79 11.37
CA ARG A 437 32.36 -2.07 11.45
C ARG A 437 32.95 -1.39 12.68
N GLY A 438 33.61 -2.17 13.51
CA GLY A 438 34.21 -1.64 14.73
C GLY A 438 33.20 -1.28 15.79
N LYS A 439 31.98 -1.80 15.67
CA LYS A 439 30.93 -1.48 16.62
C LYS A 439 30.29 -2.74 17.24
N GLN A 440 29.90 -2.64 18.51
CA GLN A 440 29.22 -3.75 19.19
C GLN A 440 27.85 -3.30 19.72
N PHE A 441 26.89 -4.22 19.79
CA PHE A 441 25.53 -3.85 20.20
C PHE A 441 25.50 -3.16 21.55
N TYR A 442 24.59 -2.19 21.68
CA TYR A 442 24.38 -1.44 22.91
C TYR A 442 24.12 -2.38 24.07
N ASN A 443 23.20 -3.33 23.89
CA ASN A 443 23.07 -4.45 24.81
C ASN A 443 23.03 -5.74 23.99
N GLY A 444 24.15 -6.46 23.97
CA GLY A 444 24.25 -7.68 23.19
C GLY A 444 23.95 -8.90 24.04
N ILE A 445 23.12 -9.79 23.53
CA ILE A 445 22.76 -11.02 24.25
C ILE A 445 23.81 -12.11 24.08
N GLU A 446 24.15 -12.83 25.16
CA GLU A 446 25.04 -13.97 25.00
C GLU A 446 24.20 -15.20 24.65
N ILE A 447 24.55 -15.90 23.58
CA ILE A 447 23.73 -17.02 23.14
C ILE A 447 24.40 -18.31 23.56
N LYS A 448 23.85 -18.93 24.59
CA LYS A 448 24.43 -20.14 25.18
C LYS A 448 23.79 -21.42 24.66
N VAL A 449 22.49 -21.38 24.42
CA VAL A 449 21.76 -22.59 24.02
C VAL A 449 21.00 -22.32 22.75
N TRP A 450 21.39 -22.97 21.66
CA TRP A 450 20.71 -22.73 20.39
C TRP A 450 20.64 -24.00 19.54
N ALA A 451 19.69 -24.04 18.62
CA ALA A 451 19.47 -25.22 17.80
C ALA A 451 19.38 -24.87 16.32
N ILE A 452 19.63 -25.85 15.47
CA ILE A 452 19.47 -25.67 14.03
C ILE A 452 18.48 -26.69 13.53
N ALA A 453 17.51 -26.24 12.73
CA ALA A 453 16.60 -27.16 12.08
C ALA A 453 16.65 -26.90 10.58
N CYS A 454 17.12 -27.88 9.82
CA CYS A 454 17.30 -27.67 8.38
C CYS A 454 16.21 -28.34 7.55
N PHE A 455 15.33 -27.54 6.95
CA PHE A 455 14.23 -28.08 6.17
C PHE A 455 14.55 -28.21 4.69
N ALA A 456 15.78 -27.84 4.32
CA ALA A 456 16.25 -28.07 2.96
C ALA A 456 16.89 -29.45 2.92
N PRO A 457 16.75 -30.15 1.78
CA PRO A 457 17.35 -31.49 1.66
C PRO A 457 18.84 -31.51 1.99
N GLN A 458 19.31 -32.60 2.61
CA GLN A 458 20.70 -32.71 3.05
C GLN A 458 21.68 -32.67 1.88
N LYS A 459 21.25 -33.18 0.73
CA LYS A 459 22.06 -33.14 -0.48
C LYS A 459 22.38 -31.70 -0.91
N GLN A 460 21.42 -30.80 -0.69
CA GLN A 460 21.56 -29.41 -1.11
C GLN A 460 22.17 -28.55 0.01
N CYS A 461 22.28 -29.14 1.20
CA CYS A 461 22.83 -28.42 2.34
C CYS A 461 23.51 -29.37 3.31
N ARG A 462 24.70 -29.83 2.93
CA ARG A 462 25.41 -30.87 3.68
C ARG A 462 25.90 -30.40 5.06
N GLU A 463 26.24 -31.36 5.90
CA GLU A 463 26.70 -31.09 7.27
C GLU A 463 27.91 -30.14 7.29
N GLU A 464 28.83 -30.31 6.36
CA GLU A 464 30.00 -29.45 6.28
C GLU A 464 29.63 -28.02 5.89
N VAL A 465 28.57 -27.89 5.09
CA VAL A 465 28.08 -26.59 4.65
C VAL A 465 27.38 -25.86 5.79
N LEU A 466 26.58 -26.60 6.57
CA LEU A 466 25.96 -26.03 7.76
C LEU A 466 27.03 -25.56 8.74
N LYS A 467 28.09 -26.35 8.87
CA LYS A 467 29.19 -26.00 9.79
C LYS A 467 29.93 -24.73 9.35
N ASN A 468 30.18 -24.59 8.05
CA ASN A 468 30.84 -23.38 7.58
C ASN A 468 29.95 -22.16 7.84
N PHE A 469 28.64 -22.34 7.68
CA PHE A 469 27.67 -21.27 7.93
C PHE A 469 27.71 -20.85 9.40
N THR A 470 27.67 -21.81 10.31
CA THR A 470 27.63 -21.48 11.72
C THR A 470 28.98 -20.92 12.17
N ASP A 471 30.07 -21.42 11.59
CA ASP A 471 31.40 -20.88 11.88
C ASP A 471 31.41 -19.39 11.55
N GLN A 472 30.94 -19.03 10.37
CA GLN A 472 31.01 -17.64 9.93
C GLN A 472 30.09 -16.76 10.76
N LEU A 473 28.93 -17.29 11.11
CA LEU A 473 27.95 -16.53 11.88
C LEU A 473 28.44 -16.27 13.30
N ARG A 474 29.08 -17.26 13.90
CA ARG A 474 29.64 -17.09 15.25
C ARG A 474 30.75 -16.05 15.24
N LYS A 475 31.52 -16.00 14.16
CA LYS A 475 32.60 -15.03 14.08
C LYS A 475 32.01 -13.63 13.98
N ILE A 476 31.03 -13.46 13.09
CA ILE A 476 30.37 -12.17 12.92
C ILE A 476 29.65 -11.75 14.21
N SER A 477 28.93 -12.67 14.84
CA SER A 477 28.19 -12.38 16.06
C SER A 477 29.11 -11.93 17.21
N LYS A 478 30.26 -12.58 17.36
CA LYS A 478 31.25 -12.16 18.34
C LYS A 478 31.74 -10.73 18.12
N ASP A 479 32.08 -10.41 16.87
CA ASP A 479 32.52 -9.06 16.54
C ASP A 479 31.45 -8.02 16.87
N ALA A 480 30.18 -8.43 16.80
CA ALA A 480 29.07 -7.49 17.00
C ALA A 480 28.66 -7.41 18.47
N GLY A 481 29.34 -8.17 19.31
CA GLY A 481 29.05 -8.22 20.74
C GLY A 481 27.83 -9.07 21.07
N MET A 482 27.50 -10.02 20.21
CA MET A 482 26.42 -10.97 20.50
C MET A 482 27.01 -12.37 20.41
N PRO A 483 27.78 -12.77 21.44
CA PRO A 483 28.57 -13.99 21.31
C PRO A 483 27.71 -15.25 21.35
N ILE A 484 27.93 -16.10 20.35
CA ILE A 484 27.33 -17.43 20.33
C ILE A 484 28.40 -18.36 20.89
N GLN A 485 28.19 -18.78 22.14
CA GLN A 485 29.26 -19.37 22.94
C GLN A 485 29.87 -20.66 22.38
N GLY A 486 29.02 -21.57 21.91
CA GLY A 486 29.52 -22.85 21.44
C GLY A 486 28.76 -23.37 20.24
N GLN A 487 28.81 -24.68 20.09
CA GLN A 487 28.09 -25.39 19.03
C GLN A 487 26.61 -25.57 19.40
N PRO A 488 25.74 -25.78 18.41
CA PRO A 488 24.31 -25.90 18.74
C PRO A 488 24.05 -27.19 19.53
N CYS A 489 23.02 -27.16 20.39
CA CYS A 489 22.69 -28.31 21.22
C CYS A 489 22.00 -29.40 20.41
N PHE A 490 21.56 -29.03 19.21
CA PHE A 490 20.67 -29.87 18.40
C PHE A 490 20.79 -29.41 16.96
N CYS A 491 20.97 -30.35 16.04
CA CYS A 491 21.01 -30.03 14.61
C CYS A 491 20.41 -31.18 13.81
N LYS A 492 19.24 -30.95 13.22
CA LYS A 492 18.53 -32.03 12.57
C LYS A 492 17.96 -31.63 11.21
N TYR A 493 17.96 -32.57 10.29
CA TYR A 493 17.28 -32.40 9.02
C TYR A 493 15.81 -32.82 9.12
N ALA A 494 14.94 -32.10 8.42
CA ALA A 494 13.53 -32.42 8.42
C ALA A 494 12.90 -32.00 7.10
N GLN A 495 11.70 -32.49 6.83
CA GLN A 495 11.01 -32.11 5.60
C GLN A 495 9.51 -31.94 5.81
N GLY A 496 8.96 -30.85 5.29
CA GLY A 496 7.52 -30.64 5.32
C GLY A 496 7.05 -29.83 6.51
N ALA A 497 6.00 -29.04 6.31
CA ALA A 497 5.46 -28.23 7.38
C ALA A 497 5.01 -29.11 8.56
N ASP A 498 4.56 -30.34 8.28
CA ASP A 498 4.08 -31.22 9.34
C ASP A 498 5.15 -31.63 10.34
N SER A 499 6.42 -31.48 9.96
CA SER A 499 7.52 -31.86 10.85
C SER A 499 7.90 -30.79 11.87
N VAL A 500 7.37 -29.57 11.70
CA VAL A 500 7.75 -28.45 12.55
C VAL A 500 7.28 -28.58 13.98
N GLU A 501 5.98 -28.72 14.18
CA GLU A 501 5.48 -28.79 15.56
C GLU A 501 6.06 -29.97 16.37
N PRO A 502 6.14 -31.16 15.78
CA PRO A 502 6.77 -32.25 16.55
C PRO A 502 8.21 -31.91 16.94
N MET A 503 8.97 -31.32 16.02
CA MET A 503 10.34 -30.99 16.35
C MET A 503 10.45 -29.87 17.37
N PHE A 504 9.63 -28.83 17.22
CA PHE A 504 9.71 -27.68 18.13
C PHE A 504 9.26 -28.06 19.53
N ARG A 505 8.24 -28.91 19.63
CA ARG A 505 7.84 -29.42 20.94
C ARG A 505 8.98 -30.23 21.60
N HIS A 506 9.64 -31.09 20.82
CA HIS A 506 10.79 -31.81 21.33
C HIS A 506 11.85 -30.86 21.86
N LEU A 507 12.21 -29.88 21.04
CA LEU A 507 13.24 -28.93 21.41
C LEU A 507 12.90 -28.22 22.71
N LYS A 508 11.66 -27.74 22.82
CA LYS A 508 11.23 -27.02 24.01
C LYS A 508 11.34 -27.90 25.25
N ASN A 509 10.99 -29.17 25.11
CA ASN A 509 11.02 -30.11 26.24
C ASN A 509 12.43 -30.61 26.59
N THR A 510 13.31 -30.72 25.61
CA THR A 510 14.59 -31.40 25.78
C THR A 510 15.73 -30.50 26.18
N TYR A 511 15.73 -29.27 25.67
CA TYR A 511 16.86 -28.38 25.86
C TYR A 511 16.49 -27.18 26.73
N SER A 512 16.73 -27.33 28.03
CA SER A 512 16.45 -26.28 29.00
C SER A 512 17.20 -25.00 28.65
N GLY A 513 16.50 -23.87 28.72
CA GLY A 513 17.14 -22.58 28.48
C GLY A 513 17.43 -22.30 27.01
N LEU A 514 16.85 -23.11 26.13
CA LEU A 514 16.93 -22.85 24.68
C LEU A 514 16.51 -21.42 24.33
N GLN A 515 17.38 -20.72 23.59
CA GLN A 515 17.17 -19.31 23.28
C GLN A 515 16.77 -19.06 21.83
N LEU A 516 17.12 -19.97 20.93
CA LEU A 516 16.98 -19.71 19.50
C LEU A 516 17.01 -20.98 18.67
N ILE A 517 16.09 -21.05 17.72
CA ILE A 517 16.17 -22.06 16.68
C ILE A 517 16.43 -21.33 15.37
N ILE A 518 17.54 -21.66 14.72
CA ILE A 518 17.80 -21.19 13.36
C ILE A 518 17.20 -22.20 12.39
N VAL A 519 16.36 -21.74 11.48
CA VAL A 519 15.63 -22.62 10.59
C VAL A 519 16.07 -22.35 9.16
N ILE A 520 16.62 -23.38 8.51
CA ILE A 520 17.06 -23.25 7.13
C ILE A 520 15.93 -23.70 6.21
N LEU A 521 15.55 -22.84 5.28
CA LEU A 521 14.43 -23.12 4.39
C LEU A 521 14.86 -23.27 2.92
N PRO A 522 14.19 -24.17 2.18
CA PRO A 522 14.46 -24.43 0.76
C PRO A 522 13.59 -23.54 -0.14
N GLY A 523 13.84 -22.24 -0.10
CA GLY A 523 13.08 -21.31 -0.92
C GLY A 523 11.71 -21.03 -0.34
N LYS A 524 10.80 -20.58 -1.20
CA LYS A 524 9.43 -20.27 -0.81
C LYS A 524 8.72 -21.57 -0.45
N THR A 525 8.16 -21.62 0.75
CA THR A 525 7.60 -22.86 1.26
C THR A 525 6.57 -22.60 2.34
N PRO A 526 5.53 -23.45 2.42
CA PRO A 526 4.57 -23.41 3.52
C PRO A 526 5.22 -23.66 4.90
N VAL A 527 6.46 -24.16 4.90
CA VAL A 527 7.17 -24.36 6.15
C VAL A 527 7.33 -23.05 6.95
N TYR A 528 7.52 -21.92 6.25
CA TYR A 528 7.77 -20.64 6.94
C TYR A 528 6.58 -20.25 7.81
N ALA A 529 5.39 -20.27 7.21
CA ALA A 529 4.19 -19.92 7.94
C ALA A 529 3.99 -20.83 9.17
N GLU A 530 4.32 -22.10 9.01
CA GLU A 530 4.15 -23.05 10.11
C GLU A 530 5.21 -22.82 11.21
N VAL A 531 6.43 -22.49 10.81
CA VAL A 531 7.46 -22.15 11.79
C VAL A 531 7.01 -20.97 12.65
N LYS A 532 6.41 -19.99 11.99
CA LYS A 532 5.95 -18.81 12.74
C LYS A 532 4.67 -19.09 13.55
N ARG A 533 3.74 -19.86 12.99
CA ARG A 533 2.58 -20.26 13.79
C ARG A 533 3.03 -21.00 15.06
N VAL A 534 3.92 -21.98 14.89
CA VAL A 534 4.30 -22.81 16.03
C VAL A 534 5.18 -22.03 17.01
N GLY A 535 6.16 -21.30 16.49
CA GLY A 535 7.07 -20.54 17.31
C GLY A 535 6.41 -19.38 18.02
N ASP A 536 5.67 -18.57 17.28
CA ASP A 536 5.11 -17.33 17.83
C ASP A 536 3.85 -17.55 18.66
N THR A 537 2.97 -18.45 18.20
CA THR A 537 1.64 -18.51 18.82
C THR A 537 1.42 -19.76 19.67
N LEU A 538 1.96 -20.89 19.22
CA LEU A 538 1.71 -22.13 19.92
C LEU A 538 2.67 -22.36 21.10
N LEU A 539 3.96 -22.17 20.87
CA LEU A 539 4.95 -22.56 21.85
C LEU A 539 5.75 -21.43 22.47
N GLY A 540 5.79 -20.27 21.80
CA GLY A 540 6.53 -19.14 22.33
C GLY A 540 8.04 -19.33 22.34
N MET A 541 8.61 -19.57 21.16
CA MET A 541 10.03 -19.83 21.03
C MET A 541 10.59 -18.95 19.92
N ALA A 542 11.74 -18.35 20.18
CA ALA A 542 12.36 -17.47 19.20
C ALA A 542 12.89 -18.28 18.03
N THR A 543 12.58 -17.82 16.81
CA THR A 543 13.08 -18.47 15.61
C THR A 543 13.66 -17.45 14.64
N GLN A 544 14.71 -17.86 13.94
CA GLN A 544 15.29 -17.04 12.87
C GLN A 544 15.43 -17.92 11.63
N CYS A 545 14.65 -17.63 10.59
CA CYS A 545 14.74 -18.40 9.35
C CYS A 545 15.78 -17.80 8.42
N VAL A 546 16.34 -18.64 7.56
CA VAL A 546 17.32 -18.24 6.56
C VAL A 546 17.17 -19.15 5.36
N GLN A 547 17.15 -18.57 4.15
CA GLN A 547 17.10 -19.37 2.94
C GLN A 547 18.37 -20.15 2.74
N VAL A 548 18.25 -21.35 2.15
CA VAL A 548 19.40 -22.20 1.98
C VAL A 548 20.45 -21.53 1.10
N LYS A 549 20.02 -20.72 0.14
CA LYS A 549 20.98 -20.05 -0.74
C LYS A 549 21.94 -19.16 0.04
N ASN A 550 21.49 -18.60 1.16
CA ASN A 550 22.33 -17.73 1.97
C ASN A 550 23.16 -18.52 2.98
N VAL A 551 22.86 -19.81 3.09
CA VAL A 551 23.66 -20.70 3.91
C VAL A 551 24.80 -21.30 3.09
N VAL A 552 24.46 -21.72 1.87
CA VAL A 552 25.44 -22.28 0.94
C VAL A 552 26.53 -21.29 0.59
N LYS A 553 26.12 -20.07 0.25
CA LYS A 553 27.05 -18.98 -0.06
C LYS A 553 26.83 -17.84 0.93
N THR A 554 27.77 -17.65 1.84
CA THR A 554 27.60 -16.67 2.89
C THR A 554 28.20 -15.33 2.52
N SER A 555 27.60 -14.27 3.05
CA SER A 555 28.10 -12.93 2.88
C SER A 555 28.20 -12.31 4.27
N PRO A 556 29.32 -11.64 4.56
CA PRO A 556 29.46 -10.90 5.83
C PRO A 556 28.33 -9.91 6.10
N GLN A 557 27.85 -9.24 5.06
CA GLN A 557 26.75 -8.29 5.20
C GLN A 557 25.46 -9.01 5.58
N THR A 558 25.19 -10.12 4.90
CA THR A 558 23.98 -10.90 5.19
C THR A 558 24.02 -11.47 6.60
N LEU A 559 25.20 -11.97 7.01
CA LEU A 559 25.33 -12.54 8.35
C LEU A 559 25.20 -11.45 9.40
N SER A 560 25.85 -10.31 9.16
CA SER A 560 25.69 -9.18 10.07
C SER A 560 24.22 -8.75 10.22
N ASN A 561 23.49 -8.68 9.10
CA ASN A 561 22.07 -8.34 9.17
C ASN A 561 21.25 -9.34 9.94
N LEU A 562 21.58 -10.64 9.77
CA LEU A 562 20.92 -11.66 10.57
C LEU A 562 21.14 -11.40 12.06
N CYS A 563 22.35 -11.01 12.43
CA CYS A 563 22.61 -10.73 13.84
C CYS A 563 21.78 -9.57 14.38
N LEU A 564 21.51 -8.55 13.55
CA LEU A 564 20.69 -7.43 14.04
C LEU A 564 19.33 -7.97 14.48
N LYS A 565 18.77 -8.88 13.70
CA LYS A 565 17.47 -9.43 14.03
C LYS A 565 17.53 -10.35 15.26
N ILE A 566 18.53 -11.22 15.29
CA ILE A 566 18.62 -12.19 16.38
C ILE A 566 18.79 -11.49 17.72
N ASN A 567 19.62 -10.45 17.75
CA ASN A 567 19.88 -9.76 19.01
C ASN A 567 18.61 -9.19 19.62
N VAL A 568 17.80 -8.56 18.78
CA VAL A 568 16.56 -7.97 19.22
CA VAL A 568 16.57 -7.97 19.26
C VAL A 568 15.50 -9.02 19.57
N LYS A 569 15.47 -10.10 18.80
CA LYS A 569 14.53 -11.18 19.08
C LYS A 569 14.78 -11.81 20.43
N LEU A 570 16.04 -11.73 20.90
CA LEU A 570 16.41 -12.36 22.16
C LEU A 570 16.46 -11.36 23.33
N GLY A 571 16.00 -10.14 23.12
CA GLY A 571 15.85 -9.17 24.20
C GLY A 571 16.89 -8.08 24.26
N GLY A 572 17.78 -8.03 23.28
CA GLY A 572 18.86 -7.05 23.29
C GLY A 572 18.48 -5.71 22.67
N ILE A 573 19.42 -4.77 22.69
CA ILE A 573 19.24 -3.45 22.07
C ILE A 573 20.42 -3.26 21.15
N ASN A 574 20.17 -2.93 19.88
CA ASN A 574 21.27 -2.85 18.92
C ASN A 574 22.03 -1.53 19.06
N ASN A 575 21.29 -0.44 19.09
CA ASN A 575 21.90 0.87 19.34
C ASN A 575 20.83 1.77 19.93
N ILE A 576 21.22 2.98 20.36
CA ILE A 576 20.22 3.96 20.80
C ILE A 576 20.56 5.31 20.16
N LEU A 577 19.57 6.16 20.00
CA LEU A 577 19.90 7.54 19.62
C LEU A 577 20.76 8.16 20.72
N VAL A 578 21.78 8.92 20.34
CA VAL A 578 22.54 9.65 21.37
C VAL A 578 21.55 10.53 22.15
N PRO A 579 21.51 10.37 23.47
CA PRO A 579 20.32 10.86 24.19
C PRO A 579 20.18 12.38 24.29
N HIS A 580 21.30 13.10 24.35
CA HIS A 580 21.21 14.54 24.54
C HIS A 580 20.84 15.33 23.28
N GLN A 581 20.65 14.66 22.16
CA GLN A 581 20.31 15.39 20.96
C GLN A 581 18.90 15.02 20.49
N ARG A 582 17.99 14.94 21.44
CA ARG A 582 16.61 14.60 21.11
C ARG A 582 15.66 15.69 21.54
N SER A 583 14.42 15.57 21.09
CA SER A 583 13.33 16.46 21.49
C SER A 583 13.19 16.53 23.00
N ALA A 584 12.77 17.70 23.50
CA ALA A 584 12.46 17.88 24.92
C ALA A 584 11.35 16.97 25.44
N VAL A 585 10.59 16.32 24.56
CA VAL A 585 9.56 15.39 25.03
C VAL A 585 10.14 14.25 25.87
N PHE A 586 11.42 13.94 25.64
CA PHE A 586 12.07 12.87 26.38
C PHE A 586 12.42 13.26 27.84
N GLN A 587 12.13 14.50 28.23
CA GLN A 587 12.38 14.95 29.60
C GLN A 587 11.36 14.39 30.58
N GLN A 588 10.27 13.87 30.03
CA GLN A 588 9.27 13.15 30.81
C GLN A 588 9.03 11.81 30.12
N PRO A 589 8.36 10.86 30.81
CA PRO A 589 8.04 9.58 30.19
C PRO A 589 7.16 9.79 28.95
N VAL A 590 7.53 9.17 27.84
CA VAL A 590 6.80 9.32 26.60
C VAL A 590 6.75 7.97 25.93
N ILE A 591 5.59 7.64 25.39
CA ILE A 591 5.44 6.38 24.64
C ILE A 591 5.20 6.70 23.16
N PHE A 592 5.89 5.97 22.27
CA PHE A 592 5.66 6.09 20.83
C PHE A 592 4.84 4.92 20.35
N LEU A 593 3.77 5.21 19.63
CA LEU A 593 2.92 4.15 19.08
C LEU A 593 2.97 4.19 17.58
N GLY A 594 2.86 3.01 16.94
CA GLY A 594 2.77 2.94 15.50
C GLY A 594 1.57 2.05 15.19
N ALA A 595 0.81 2.38 14.15
CA ALA A 595 -0.40 1.61 13.86
C ALA A 595 -0.55 1.40 12.37
N ASP A 596 -1.10 0.24 11.97
CA ASP A 596 -1.30 -0.04 10.56
C ASP A 596 -2.52 -0.93 10.43
N VAL A 597 -3.13 -0.90 9.24
CA VAL A 597 -4.26 -1.76 8.95
C VAL A 597 -3.97 -2.39 7.60
N THR A 598 -4.11 -3.71 7.53
CA THR A 598 -3.98 -4.40 6.25
C THR A 598 -5.27 -5.09 5.84
N HIS A 599 -5.61 -4.97 4.56
CA HIS A 599 -6.88 -5.48 4.04
C HIS A 599 -6.65 -6.70 3.19
N PRO A 600 -7.66 -7.55 3.10
CA PRO A 600 -7.48 -8.76 2.29
C PRO A 600 -7.43 -8.41 0.80
N PRO A 601 -6.82 -9.28 -0.03
CA PRO A 601 -6.72 -9.10 -1.48
C PRO A 601 -8.06 -8.80 -2.14
N LYS A 606 -14.69 -13.14 3.05
CA LYS A 606 -13.77 -14.23 3.38
C LYS A 606 -12.71 -13.81 4.40
N LYS A 607 -11.60 -13.27 3.91
CA LYS A 607 -10.48 -12.93 4.79
C LYS A 607 -10.72 -11.64 5.59
N PRO A 608 -10.22 -11.62 6.82
CA PRO A 608 -10.41 -10.43 7.65
C PRO A 608 -9.42 -9.31 7.32
N SER A 609 -9.71 -8.10 7.77
CA SER A 609 -8.68 -7.09 7.81
C SER A 609 -7.89 -7.29 9.12
N ILE A 610 -6.65 -6.84 9.13
CA ILE A 610 -5.77 -7.00 10.30
C ILE A 610 -5.34 -5.63 10.79
N THR A 611 -5.46 -5.41 12.10
CA THR A 611 -4.96 -4.17 12.68
C THR A 611 -3.80 -4.47 13.61
N ALA A 612 -2.84 -3.54 13.66
CA ALA A 612 -1.68 -3.74 14.51
C ALA A 612 -1.27 -2.43 15.13
N VAL A 613 -0.95 -2.46 16.42
CA VAL A 613 -0.47 -1.25 17.08
C VAL A 613 0.73 -1.70 17.88
N VAL A 614 1.87 -1.01 17.70
CA VAL A 614 3.03 -1.30 18.55
C VAL A 614 3.31 -0.12 19.47
N GLY A 615 3.98 -0.40 20.60
CA GLY A 615 4.33 0.66 21.53
C GLY A 615 5.75 0.52 22.05
N SER A 616 6.46 1.64 22.17
CA SER A 616 7.81 1.60 22.74
C SER A 616 7.71 1.24 24.22
N MET A 617 8.79 0.63 24.70
CA MET A 617 8.82 0.06 26.05
C MET A 617 10.04 0.52 26.83
N ASP A 618 10.70 1.55 26.32
CA ASP A 618 11.81 2.16 27.01
C ASP A 618 11.93 3.64 26.60
N ALA A 619 12.88 4.35 27.21
CA ALA A 619 12.99 5.78 26.96
C ALA A 619 13.93 6.15 25.82
N HIS A 620 14.45 5.16 25.10
CA HIS A 620 15.49 5.42 24.12
C HIS A 620 15.06 6.16 22.83
N PRO A 621 13.99 5.73 22.16
CA PRO A 621 13.17 4.52 22.29
C PRO A 621 13.73 3.40 21.39
N SER A 622 13.86 2.18 21.93
CA SER A 622 14.42 1.09 21.14
CA SER A 622 14.44 1.09 21.16
C SER A 622 13.51 -0.12 21.08
N ARG A 623 13.12 -0.63 22.24
CA ARG A 623 12.31 -1.85 22.27
C ARG A 623 10.83 -1.55 22.16
N TYR A 624 10.09 -2.43 21.46
CA TYR A 624 8.66 -2.25 21.22
C TYR A 624 7.93 -3.55 21.53
N CYS A 625 6.69 -3.44 22.00
CA CYS A 625 5.78 -4.59 22.13
C CYS A 625 4.65 -4.39 21.14
N ALA A 626 4.03 -5.49 20.71
CA ALA A 626 3.00 -5.42 19.67
C ALA A 626 1.65 -5.94 20.14
N THR A 627 0.59 -5.36 19.58
CA THR A 627 -0.77 -5.87 19.74
C THR A 627 -1.33 -6.04 18.32
N VAL A 628 -2.22 -7.01 18.13
CA VAL A 628 -2.75 -7.26 16.80
C VAL A 628 -4.14 -7.83 16.92
N ARG A 629 -5.00 -7.52 15.94
CA ARG A 629 -6.37 -8.05 15.96
C ARG A 629 -6.81 -8.33 14.54
N VAL A 630 -7.84 -9.15 14.43
CA VAL A 630 -8.57 -9.30 13.19
CA VAL A 630 -8.55 -9.26 13.16
C VAL A 630 -9.84 -8.45 13.30
N GLN A 631 -10.32 -7.91 12.17
CA GLN A 631 -11.59 -7.17 12.19
C GLN A 631 -12.33 -7.32 10.88
N ARG A 632 -13.54 -6.78 10.84
CA ARG A 632 -14.38 -6.80 9.64
C ARG A 632 -13.57 -6.36 8.42
N PRO A 633 -13.65 -7.15 7.33
CA PRO A 633 -12.90 -6.89 6.11
C PRO A 633 -13.17 -5.50 5.55
N ARG A 634 -12.09 -4.79 5.24
CA ARG A 634 -12.10 -3.49 4.55
C ARG A 634 -12.46 -2.31 5.45
N GLN A 635 -12.75 -2.58 6.72
CA GLN A 635 -12.98 -1.52 7.69
C GLN A 635 -11.66 -0.78 7.94
N GLU A 636 -11.68 0.55 7.83
CA GLU A 636 -10.44 1.32 7.92
C GLU A 636 -10.06 1.76 9.33
N ILE A 637 -11.06 2.11 10.13
CA ILE A 637 -10.84 2.44 11.52
C ILE A 637 -10.36 1.22 12.30
N ILE A 638 -9.41 1.42 13.21
CA ILE A 638 -8.95 0.33 14.09
C ILE A 638 -10.00 0.15 15.19
N GLU A 639 -10.84 -0.87 15.04
CA GLU A 639 -12.03 -1.04 15.89
C GLU A 639 -11.66 -1.19 17.36
N ASP A 640 -10.58 -1.92 17.60
CA ASP A 640 -10.20 -2.29 18.96
C ASP A 640 -9.14 -1.39 19.54
N LEU A 641 -8.99 -0.19 18.97
CA LEU A 641 -7.84 0.64 19.32
C LEU A 641 -7.75 0.92 20.82
N SER A 642 -8.87 1.17 21.48
CA SER A 642 -8.82 1.53 22.91
C SER A 642 -8.16 0.43 23.72
N TYR A 643 -8.62 -0.80 23.50
CA TYR A 643 -8.09 -1.89 24.29
C TYR A 643 -6.63 -2.12 23.97
N MET A 644 -6.27 -2.01 22.70
CA MET A 644 -4.89 -2.26 22.28
C MET A 644 -3.97 -1.23 22.90
N VAL A 645 -4.43 0.03 22.92
CA VAL A 645 -3.63 1.08 23.57
C VAL A 645 -3.52 0.83 25.09
N ARG A 646 -4.61 0.43 25.74
CA ARG A 646 -4.58 0.10 27.16
C ARG A 646 -3.52 -0.98 27.43
N GLU A 647 -3.51 -2.04 26.62
CA GLU A 647 -2.52 -3.09 26.83
C GLU A 647 -1.09 -2.57 26.76
N LEU A 648 -0.86 -1.69 25.80
CA LEU A 648 0.46 -1.14 25.57
C LEU A 648 0.85 -0.22 26.71
N LEU A 649 -0.10 0.61 27.18
CA LEU A 649 0.21 1.49 28.32
C LEU A 649 0.55 0.70 29.57
N ILE A 650 -0.17 -0.40 29.76
CA ILE A 650 0.07 -1.26 30.91
C ILE A 650 1.45 -1.89 30.83
N GLN A 651 1.80 -2.37 29.64
CA GLN A 651 3.12 -2.98 29.48
C GLN A 651 4.24 -1.93 29.64
N PHE A 652 3.99 -0.70 29.18
CA PHE A 652 4.96 0.40 29.36
C PHE A 652 5.21 0.64 30.83
N TYR A 653 4.14 0.73 31.61
CA TYR A 653 4.29 0.89 33.06
C TYR A 653 5.09 -0.26 33.72
N LYS A 654 4.77 -1.50 33.36
CA LYS A 654 5.49 -2.65 33.85
C LYS A 654 6.98 -2.56 33.52
N SER A 655 7.29 -2.16 32.30
CA SER A 655 8.67 -2.09 31.81
C SER A 655 9.49 -0.93 32.37
N THR A 656 8.83 0.20 32.61
CA THR A 656 9.55 1.42 33.01
C THR A 656 9.24 1.93 34.41
N ARG A 657 8.12 1.49 34.97
CA ARG A 657 7.61 1.98 36.25
C ARG A 657 7.15 3.42 36.17
N PHE A 658 6.91 3.89 34.95
CA PHE A 658 6.37 5.24 34.71
C PHE A 658 5.06 5.19 33.91
N LYS A 659 4.17 6.11 34.25
CA LYS A 659 3.01 6.41 33.44
C LYS A 659 3.45 7.47 32.41
N PRO A 660 3.26 7.18 31.09
CA PRO A 660 3.60 8.15 30.03
C PRO A 660 2.84 9.47 30.20
N THR A 661 3.47 10.62 30.11
CA THR A 661 2.72 11.87 30.18
C THR A 661 2.42 12.34 28.76
N ARG A 662 3.05 11.70 27.76
CA ARG A 662 2.79 12.01 26.35
C ARG A 662 2.70 10.73 25.53
N ILE A 663 1.82 10.74 24.53
CA ILE A 663 1.64 9.64 23.60
C ILE A 663 1.85 10.23 22.21
N ILE A 664 2.81 9.68 21.47
CA ILE A 664 3.06 10.12 20.10
C ILE A 664 2.68 8.94 19.18
N PHE A 665 1.69 9.16 18.33
CA PHE A 665 0.99 8.09 17.60
C PHE A 665 1.16 8.29 16.12
N TYR A 666 1.93 7.41 15.47
CA TYR A 666 2.10 7.43 14.02
C TYR A 666 1.19 6.39 13.36
N ARG A 667 0.31 6.87 12.49
CA ARG A 667 -0.71 5.99 11.91
C ARG A 667 -0.47 5.82 10.41
N ASP A 668 -0.21 4.59 9.98
CA ASP A 668 -0.02 4.29 8.56
C ASP A 668 -1.32 3.61 8.06
N GLY A 669 -1.40 3.36 6.77
CA GLY A 669 -2.57 2.69 6.19
C GLY A 669 -3.85 3.50 5.94
N VAL A 670 -3.83 4.81 6.15
CA VAL A 670 -5.04 5.62 6.03
C VAL A 670 -5.28 6.05 4.61
N PRO A 671 -6.49 5.83 4.09
CA PRO A 671 -6.81 6.28 2.74
C PRO A 671 -6.96 7.78 2.68
N GLU A 672 -6.43 8.38 1.62
CA GLU A 672 -6.67 9.79 1.36
C GLU A 672 -8.17 10.05 1.34
N GLY A 673 -8.59 11.17 1.91
CA GLY A 673 -10.00 11.51 1.94
C GLY A 673 -10.70 11.11 3.23
N GLN A 674 -10.11 10.19 3.98
CA GLN A 674 -10.75 9.68 5.19
C GLN A 674 -10.06 10.12 6.46
N LEU A 675 -9.16 11.09 6.34
CA LEU A 675 -8.44 11.58 7.51
C LEU A 675 -9.34 12.09 8.64
N PRO A 676 -10.37 12.90 8.33
CA PRO A 676 -11.23 13.34 9.44
C PRO A 676 -11.96 12.21 10.22
N GLN A 677 -12.45 11.20 9.51
CA GLN A 677 -13.20 10.12 10.15
C GLN A 677 -12.31 9.24 11.03
N ILE A 678 -11.14 8.89 10.50
CA ILE A 678 -10.19 8.07 11.24
C ILE A 678 -9.72 8.84 12.47
N LEU A 679 -9.40 10.11 12.28
CA LEU A 679 -8.96 10.95 13.39
C LEU A 679 -10.03 11.00 14.51
N HIS A 680 -11.27 11.28 14.14
CA HIS A 680 -12.34 11.42 15.12
C HIS A 680 -12.43 10.20 16.02
N TYR A 681 -12.65 9.04 15.42
CA TYR A 681 -12.83 7.84 16.23
CA TYR A 681 -12.82 7.78 16.19
C TYR A 681 -11.56 7.40 16.95
N GLU A 682 -10.40 7.55 16.31
CA GLU A 682 -9.19 7.04 16.95
C GLU A 682 -8.65 7.94 18.05
N LEU A 683 -8.80 9.26 17.91
CA LEU A 683 -8.40 10.16 18.99
C LEU A 683 -9.25 9.86 20.22
N LEU A 684 -10.55 9.69 20.00
CA LEU A 684 -11.47 9.32 21.09
C LEU A 684 -11.09 7.97 21.69
N ALA A 685 -10.63 7.03 20.86
CA ALA A 685 -10.29 5.69 21.38
C ALA A 685 -9.03 5.74 22.24
N ILE A 686 -8.05 6.54 21.82
CA ILE A 686 -6.84 6.71 22.62
C ILE A 686 -7.18 7.42 23.94
N ARG A 687 -8.01 8.45 23.88
CA ARG A 687 -8.47 9.10 25.11
C ARG A 687 -9.26 8.13 26.00
N ASP A 688 -10.05 7.27 25.38
CA ASP A 688 -10.86 6.30 26.12
C ASP A 688 -9.96 5.36 26.90
N ALA A 689 -8.90 4.88 26.25
CA ALA A 689 -7.93 4.00 26.89
C ALA A 689 -7.35 4.65 28.13
N CYS A 690 -6.97 5.92 28.01
CA CYS A 690 -6.42 6.65 29.14
C CYS A 690 -7.43 6.81 30.29
N ILE A 691 -8.64 7.25 29.98
CA ILE A 691 -9.64 7.48 31.02
C ILE A 691 -9.98 6.17 31.75
N LYS A 692 -10.04 5.08 31.01
CA LYS A 692 -10.38 3.79 31.63
C LYS A 692 -9.29 3.25 32.55
N LEU A 693 -8.05 3.67 32.33
CA LEU A 693 -6.95 3.31 33.23
C LEU A 693 -7.03 4.12 34.53
N GLU A 694 -7.24 5.43 34.40
CA GLU A 694 -7.52 6.27 35.58
C GLU A 694 -8.31 7.49 35.13
N LYS A 695 -9.37 7.83 35.87
CA LYS A 695 -10.37 8.82 35.41
C LYS A 695 -9.80 10.16 34.94
N ASP A 696 -8.74 10.62 35.58
CA ASP A 696 -8.21 11.94 35.27
C ASP A 696 -6.88 11.89 34.50
N TYR A 697 -6.54 10.72 33.98
CA TYR A 697 -5.31 10.51 33.23
C TYR A 697 -5.50 11.14 31.84
N GLN A 698 -4.75 12.21 31.56
CA GLN A 698 -4.90 12.97 30.32
C GLN A 698 -3.55 13.31 29.74
N PRO A 699 -2.85 12.30 29.20
CA PRO A 699 -1.53 12.58 28.64
C PRO A 699 -1.68 13.37 27.34
N GLY A 700 -0.66 14.17 27.00
CA GLY A 700 -0.71 14.95 25.78
C GLY A 700 -0.53 14.06 24.59
N ILE A 701 -1.46 14.12 23.64
CA ILE A 701 -1.42 13.25 22.48
C ILE A 701 -1.03 14.02 21.22
N THR A 702 -0.09 13.46 20.46
CA THR A 702 0.22 13.97 19.12
C THR A 702 -0.12 12.83 18.16
N TYR A 703 -1.01 13.11 17.20
CA TYR A 703 -1.50 12.07 16.29
C TYR A 703 -1.05 12.46 14.90
N ILE A 704 -0.28 11.59 14.28
CA ILE A 704 0.35 11.88 12.98
C ILE A 704 0.04 10.79 11.97
N VAL A 705 -0.53 11.16 10.82
CA VAL A 705 -0.77 10.20 9.75
C VAL A 705 0.44 10.17 8.84
N VAL A 706 0.93 8.96 8.57
CA VAL A 706 2.07 8.74 7.66
CA VAL A 706 2.06 8.79 7.68
C VAL A 706 1.55 8.13 6.38
N GLN A 707 1.88 8.74 5.25
CA GLN A 707 1.35 8.24 3.99
C GLN A 707 2.45 8.14 2.93
N LYS A 708 2.63 6.94 2.37
CA LYS A 708 3.55 6.71 1.25
C LYS A 708 2.78 6.52 -0.04
N ARG A 709 1.48 6.30 0.06
CA ARG A 709 0.67 6.01 -1.13
C ARG A 709 0.05 7.28 -1.68
N HIS A 710 0.93 8.10 -2.26
CA HIS A 710 0.50 9.32 -2.89
C HIS A 710 1.38 9.48 -4.12
N HIS A 711 1.17 10.55 -4.88
CA HIS A 711 1.92 10.74 -6.11
C HIS A 711 2.74 12.03 -6.11
N THR A 712 3.15 12.47 -4.93
CA THR A 712 3.99 13.65 -4.87
C THR A 712 5.42 13.19 -5.08
N ARG A 713 6.09 13.79 -6.04
CA ARG A 713 7.49 13.47 -6.26
C ARG A 713 8.30 14.74 -6.15
N LEU A 714 9.48 14.62 -5.55
CA LEU A 714 10.40 15.77 -5.43
C LEU A 714 11.72 15.46 -6.13
N PHE A 715 12.27 16.46 -6.80
CA PHE A 715 13.46 16.30 -7.63
C PHE A 715 14.45 17.41 -7.28
N CYS A 716 15.74 17.09 -7.28
CA CYS A 716 16.75 18.13 -7.16
C CYS A 716 16.68 19.14 -8.31
N ALA A 717 16.62 20.43 -7.97
CA ALA A 717 16.62 21.45 -9.01
C ALA A 717 18.05 21.69 -9.49
N ASP A 718 19.01 21.47 -8.59
CA ASP A 718 20.43 21.53 -8.94
C ASP A 718 20.90 20.10 -9.15
N LYS A 719 21.13 19.74 -10.40
CA LYS A 719 21.58 18.40 -10.77
C LYS A 719 22.79 17.92 -9.94
N ASN A 720 23.58 18.89 -9.49
CA ASN A 720 24.76 18.69 -8.65
C ASN A 720 24.45 18.05 -7.31
N GLU A 721 23.20 18.17 -6.84
CA GLU A 721 22.82 17.67 -5.51
C GLU A 721 22.11 16.31 -5.53
N ARG A 722 21.91 15.78 -6.74
CA ARG A 722 21.32 14.45 -6.88
C ARG A 722 22.24 13.40 -6.29
N ILE A 723 21.65 12.36 -5.73
CA ILE A 723 22.42 11.30 -5.07
C ILE A 723 22.31 9.96 -5.81
N GLY A 724 23.47 9.43 -6.19
CA GLY A 724 23.57 8.08 -6.72
C GLY A 724 23.08 7.92 -8.14
N LYS A 725 23.11 6.68 -8.61
CA LYS A 725 22.66 6.33 -9.96
C LYS A 725 21.22 6.73 -10.22
N SER A 726 20.36 6.57 -9.21
CA SER A 726 18.94 6.87 -9.35
C SER A 726 18.66 8.38 -9.32
N GLY A 727 19.67 9.15 -8.92
CA GLY A 727 19.61 10.59 -8.97
C GLY A 727 18.56 11.22 -8.07
N ASN A 728 18.34 10.63 -6.89
CA ASN A 728 17.27 11.09 -5.98
C ASN A 728 17.72 12.18 -5.01
N ILE A 729 16.74 12.85 -4.40
CA ILE A 729 17.02 13.78 -3.32
C ILE A 729 17.69 13.06 -2.16
N PRO A 730 18.50 13.80 -1.40
CA PRO A 730 19.20 13.18 -0.25
C PRO A 730 18.29 12.81 0.90
N ALA A 731 18.66 11.76 1.65
CA ALA A 731 17.93 11.40 2.87
C ALA A 731 17.89 12.62 3.77
N GLY A 732 16.72 12.89 4.34
CA GLY A 732 16.51 14.00 5.24
C GLY A 732 15.84 15.19 4.57
N THR A 733 15.63 15.13 3.25
CA THR A 733 14.99 16.24 2.52
C THR A 733 13.55 16.45 2.98
N THR A 734 13.26 17.67 3.42
CA THR A 734 12.00 17.97 4.07
C THR A 734 11.35 19.20 3.41
N VAL A 735 10.05 19.12 3.17
CA VAL A 735 9.32 20.22 2.56
C VAL A 735 8.07 20.53 3.37
N ASP A 736 7.91 21.78 3.79
CA ASP A 736 6.69 22.17 4.50
C ASP A 736 6.13 23.51 4.02
N THR A 737 6.45 23.86 2.78
CA THR A 737 5.93 25.05 2.15
C THR A 737 5.56 24.76 0.70
N ASN A 738 4.85 25.71 0.06
CA ASN A 738 4.57 25.73 -1.38
C ASN A 738 3.60 24.68 -1.94
N ILE A 739 3.77 23.41 -1.56
CA ILE A 739 2.92 22.34 -2.06
C ILE A 739 2.13 21.65 -0.94
N THR A 740 2.32 22.12 0.26
CA THR A 740 1.62 21.60 1.43
C THR A 740 0.31 22.41 1.69
N HIS A 741 -0.42 22.03 2.72
CA HIS A 741 -1.74 22.59 2.98
C HIS A 741 -1.64 24.08 3.32
N PRO A 742 -2.63 24.87 2.89
CA PRO A 742 -2.52 26.33 3.14
C PRO A 742 -2.50 26.76 4.61
N PHE A 743 -3.07 25.96 5.52
CA PHE A 743 -3.02 26.38 6.94
C PHE A 743 -2.86 25.25 7.94
N GLU A 744 -3.11 24.01 7.51
CA GLU A 744 -2.90 22.89 8.40
C GLU A 744 -1.43 22.48 8.50
N PHE A 745 -1.16 21.48 9.34
CA PHE A 745 0.23 21.12 9.72
C PHE A 745 0.66 19.81 9.05
N ASP A 746 1.13 19.89 7.80
CA ASP A 746 1.59 18.70 7.08
C ASP A 746 2.95 18.96 6.49
N PHE A 747 3.75 17.91 6.31
CA PHE A 747 5.05 18.07 5.67
C PHE A 747 5.46 16.79 4.98
N TYR A 748 6.30 16.93 3.96
CA TYR A 748 6.95 15.78 3.37
C TYR A 748 8.35 15.63 3.96
N LEU A 749 8.76 14.40 4.21
CA LEU A 749 10.13 14.14 4.65
C LEU A 749 10.54 12.87 3.94
N CYS A 750 11.56 12.98 3.10
CA CYS A 750 12.10 11.80 2.44
C CYS A 750 13.28 11.38 3.32
N SER A 751 13.03 10.42 4.20
CA SER A 751 13.99 10.11 5.25
C SER A 751 15.05 9.11 4.76
N HIS A 752 14.81 8.50 3.61
CA HIS A 752 15.68 7.42 3.14
C HIS A 752 16.53 7.80 1.93
N ALA A 753 17.65 7.11 1.77
CA ALA A 753 18.42 7.17 0.51
C ALA A 753 17.71 6.35 -0.58
N GLY A 754 17.54 6.95 -1.76
CA GLY A 754 16.87 6.27 -2.85
C GLY A 754 17.84 5.34 -3.54
N ILE A 755 17.46 4.07 -3.65
CA ILE A 755 18.34 3.05 -4.21
C ILE A 755 17.93 2.75 -5.62
N GLN A 756 16.61 2.81 -5.83
CA GLN A 756 16.04 2.35 -7.09
C GLN A 756 14.90 3.26 -7.46
N GLY A 757 14.74 3.54 -8.73
CA GLY A 757 13.58 4.29 -9.20
C GLY A 757 13.58 5.70 -8.64
N THR A 758 12.40 6.26 -8.47
CA THR A 758 12.27 7.59 -7.90
C THR A 758 11.76 7.42 -6.48
N SER A 759 12.43 8.07 -5.52
CA SER A 759 11.99 7.97 -4.15
C SER A 759 10.57 8.49 -3.96
N ARG A 760 9.82 7.88 -3.05
CA ARG A 760 8.55 8.42 -2.60
C ARG A 760 8.78 9.14 -1.28
N PRO A 761 8.64 10.49 -1.25
CA PRO A 761 8.81 11.11 0.07
C PRO A 761 7.59 10.84 0.92
N SER A 762 7.80 10.39 2.16
CA SER A 762 6.67 10.17 3.03
C SER A 762 5.99 11.47 3.39
N HIS A 763 4.67 11.41 3.46
CA HIS A 763 3.89 12.58 3.83
C HIS A 763 3.36 12.41 5.25
N TYR A 764 3.50 13.45 6.08
CA TYR A 764 3.09 13.42 7.49
C TYR A 764 2.02 14.47 7.72
N TYR A 765 0.91 14.08 8.32
CA TYR A 765 -0.17 15.01 8.57
C TYR A 765 -0.43 15.03 10.07
N VAL A 766 -0.18 16.18 10.70
CA VAL A 766 -0.35 16.27 12.14
C VAL A 766 -1.78 16.64 12.42
N LEU A 767 -2.55 15.65 12.83
CA LEU A 767 -3.98 15.84 12.97
C LEU A 767 -4.35 16.25 14.38
N TRP A 768 -3.44 16.07 15.32
CA TRP A 768 -3.70 16.52 16.69
C TRP A 768 -2.38 16.74 17.40
N ASP A 769 -2.26 17.82 18.17
CA ASP A 769 -1.01 17.97 18.91
C ASP A 769 -1.22 18.72 20.20
N ASP A 770 -1.32 17.98 21.30
CA ASP A 770 -1.43 18.59 22.61
C ASP A 770 -0.07 19.07 23.09
N ASN A 771 0.99 18.57 22.45
CA ASN A 771 2.34 18.73 22.96
C ASN A 771 3.12 19.95 22.49
N ARG A 772 2.46 20.78 21.68
CA ARG A 772 3.03 22.07 21.21
C ARG A 772 4.39 21.94 20.52
N PHE A 773 4.55 20.93 19.66
CA PHE A 773 5.79 20.79 18.93
C PHE A 773 6.01 21.96 18.01
N THR A 774 7.26 22.37 17.86
CA THR A 774 7.55 23.27 16.76
C THR A 774 7.69 22.40 15.52
N ALA A 775 7.66 23.04 14.35
CA ALA A 775 7.81 22.31 13.11
C ALA A 775 9.15 21.60 13.06
N ASP A 776 10.22 22.33 13.35
CA ASP A 776 11.55 21.70 13.37
C ASP A 776 11.61 20.52 14.31
N GLU A 777 11.03 20.69 15.49
CA GLU A 777 11.17 19.70 16.52
C GLU A 777 10.48 18.40 16.08
N LEU A 778 9.29 18.54 15.52
CA LEU A 778 8.54 17.34 15.16
C LEU A 778 9.10 16.69 13.89
N GLN A 779 9.62 17.51 12.96
CA GLN A 779 10.26 16.99 11.75
C GLN A 779 11.54 16.23 12.08
N ILE A 780 12.33 16.80 12.99
CA ILE A 780 13.54 16.14 13.43
C ILE A 780 13.24 14.87 14.21
N LEU A 781 12.23 14.89 15.08
CA LEU A 781 11.89 13.70 15.84
C LEU A 781 11.47 12.59 14.89
N THR A 782 10.63 12.96 13.91
CA THR A 782 10.18 11.96 12.92
C THR A 782 11.38 11.34 12.18
N TYR A 783 12.31 12.19 11.76
CA TYR A 783 13.51 11.74 11.08
C TYR A 783 14.36 10.84 11.98
N GLN A 784 14.52 11.22 13.25
CA GLN A 784 15.32 10.38 14.17
C GLN A 784 14.70 8.99 14.33
N LEU A 785 13.37 8.94 14.39
CA LEU A 785 12.71 7.62 14.54
C LEU A 785 12.92 6.73 13.31
N CYS A 786 13.21 7.32 12.17
CA CYS A 786 13.53 6.54 10.98
C CYS A 786 14.91 5.93 11.06
N HIS A 787 15.70 6.32 12.07
CA HIS A 787 17.03 5.74 12.31
C HIS A 787 17.04 4.71 13.45
N THR A 788 15.88 4.35 13.96
CA THR A 788 15.81 3.43 15.11
C THR A 788 15.28 2.06 14.73
N TYR A 789 15.18 1.81 13.44
CA TYR A 789 14.59 0.57 12.95
C TYR A 789 15.65 -0.53 12.97
N VAL A 790 15.37 -1.62 13.69
CA VAL A 790 16.43 -2.54 14.08
C VAL A 790 16.98 -3.45 12.96
N ARG A 791 16.23 -3.59 11.86
CA ARG A 791 16.61 -4.57 10.83
C ARG A 791 17.70 -4.14 9.85
N CYS A 792 18.11 -2.87 9.90
CA CYS A 792 19.19 -2.45 9.01
C CYS A 792 19.85 -1.19 9.55
N THR A 793 21.13 -1.01 9.23
CA THR A 793 21.83 0.22 9.61
C THR A 793 21.63 1.26 8.51
N ARG A 794 20.38 1.64 8.31
CA ARG A 794 20.01 2.66 7.33
C ARG A 794 18.82 3.43 7.86
N SER A 795 18.66 4.69 7.44
CA SER A 795 17.44 5.41 7.72
CA SER A 795 17.44 5.41 7.72
C SER A 795 16.34 4.90 6.79
N VAL A 796 15.22 4.47 7.35
CA VAL A 796 14.18 3.87 6.52
C VAL A 796 13.14 4.92 6.18
N SER A 797 12.20 4.54 5.31
CA SER A 797 11.29 5.54 4.71
C SER A 797 10.17 6.06 5.61
N ILE A 798 9.89 5.33 6.69
CA ILE A 798 8.83 5.71 7.62
C ILE A 798 9.38 5.43 9.01
N PRO A 799 8.82 6.07 10.05
CA PRO A 799 9.38 5.89 11.39
C PRO A 799 9.28 4.42 11.82
N ALA A 800 10.26 3.99 12.62
CA ALA A 800 10.27 2.59 13.07
C ALA A 800 8.94 2.12 13.66
N PRO A 801 8.27 2.92 14.53
CA PRO A 801 6.99 2.39 15.04
C PRO A 801 5.97 2.05 13.94
N ALA A 802 5.87 2.89 12.92
CA ALA A 802 4.92 2.58 11.84
C ALA A 802 5.36 1.34 11.08
N TYR A 803 6.67 1.23 10.84
CA TYR A 803 7.21 0.10 10.09
C TYR A 803 6.99 -1.19 10.88
N TYR A 804 7.25 -1.13 12.18
CA TYR A 804 6.97 -2.32 12.98
C TYR A 804 5.50 -2.74 12.94
N ALA A 805 4.58 -1.78 12.99
CA ALA A 805 3.17 -2.14 12.93
C ALA A 805 2.88 -2.87 11.61
N ARG A 806 3.49 -2.41 10.53
CA ARG A 806 3.36 -3.11 9.24
C ARG A 806 3.85 -4.56 9.34
N LEU A 807 5.02 -4.76 9.95
CA LEU A 807 5.56 -6.11 10.12
C LEU A 807 4.68 -6.99 10.98
N VAL A 808 4.08 -6.40 12.01
CA VAL A 808 3.20 -7.19 12.90
C VAL A 808 1.96 -7.66 12.14
N ALA A 809 1.37 -6.75 11.35
CA ALA A 809 0.19 -7.12 10.56
C ALA A 809 0.52 -8.20 9.53
N PHE A 810 1.67 -8.06 8.87
CA PHE A 810 2.10 -9.03 7.87
C PHE A 810 2.32 -10.40 8.52
N ARG A 811 2.93 -10.42 9.70
CA ARG A 811 3.14 -11.69 10.41
C ARG A 811 1.81 -12.36 10.76
N ALA A 812 0.80 -11.58 11.15
CA ALA A 812 -0.51 -12.14 11.49
C ALA A 812 -1.11 -12.89 10.30
N ARG A 813 -0.83 -12.37 9.09
CA ARG A 813 -1.31 -13.06 7.88
C ARG A 813 -0.70 -14.47 7.75
N TYR A 814 0.57 -14.62 8.10
CA TYR A 814 1.18 -15.95 8.16
C TYR A 814 0.58 -16.84 9.27
N HIS A 815 0.31 -16.25 10.44
CA HIS A 815 -0.31 -16.99 11.54
C HIS A 815 -1.70 -17.49 11.15
N LEU A 816 -2.35 -16.78 10.23
CA LEU A 816 -3.69 -17.15 9.75
C LEU A 816 -3.70 -18.20 8.63
N VAL A 817 -2.54 -18.51 8.07
CA VAL A 817 -2.47 -19.58 7.06
C VAL A 817 -2.97 -20.89 7.66
N ASP A 818 -3.86 -21.58 6.97
CA ASP A 818 -4.37 -22.84 7.50
C ASP A 818 -3.85 -24.05 6.73
N ARG A 836 -11.95 -19.74 10.50
CA ARG A 836 -13.26 -19.68 9.85
C ARG A 836 -14.22 -18.76 10.59
N ASP A 837 -14.82 -19.26 11.67
CA ASP A 837 -15.66 -18.42 12.52
C ASP A 837 -14.78 -17.34 13.16
N PRO A 838 -15.35 -16.15 13.42
CA PRO A 838 -14.58 -14.99 13.88
C PRO A 838 -13.77 -15.27 15.15
N GLN A 839 -14.33 -16.05 16.06
CA GLN A 839 -13.62 -16.44 17.28
C GLN A 839 -12.33 -17.19 16.96
N ALA A 840 -12.39 -18.14 16.02
CA ALA A 840 -11.20 -18.93 15.68
C ALA A 840 -10.13 -18.07 15.01
N LEU A 841 -10.54 -17.13 14.17
CA LEU A 841 -9.58 -16.26 13.49
C LEU A 841 -8.85 -15.38 14.51
N ALA A 842 -9.57 -14.90 15.49
CA ALA A 842 -8.99 -14.06 16.55
C ALA A 842 -7.97 -14.84 17.35
N LYS A 843 -8.28 -16.11 17.63
CA LYS A 843 -7.35 -16.96 18.38
C LYS A 843 -6.06 -17.17 17.60
N ALA A 844 -6.18 -17.32 16.28
CA ALA A 844 -5.03 -17.60 15.42
C ALA A 844 -3.94 -16.53 15.45
N VAL A 845 -4.31 -15.27 15.66
CA VAL A 845 -3.33 -14.19 15.67
C VAL A 845 -2.84 -13.78 17.05
N GLN A 846 -3.33 -14.45 18.07
CA GLN A 846 -2.88 -14.20 19.45
C GLN A 846 -1.55 -14.90 19.72
N VAL A 847 -0.50 -14.13 19.98
CA VAL A 847 0.81 -14.74 20.18
C VAL A 847 0.87 -15.37 21.57
N HIS A 848 1.80 -16.30 21.76
CA HIS A 848 1.95 -17.03 23.01
C HIS A 848 2.37 -16.06 24.11
N GLN A 849 2.04 -16.39 25.36
CA GLN A 849 2.48 -15.61 26.51
C GLN A 849 3.97 -15.27 26.49
N ASP A 850 4.81 -16.24 26.13
CA ASP A 850 6.27 -16.05 26.14
C ASP A 850 6.76 -15.24 24.93
N THR A 851 5.83 -14.94 24.02
CA THR A 851 6.10 -14.12 22.84
C THR A 851 5.55 -12.71 22.97
N LEU A 852 4.51 -12.55 23.78
CA LEU A 852 3.80 -11.27 23.92
C LEU A 852 4.72 -10.09 24.16
N ARG A 853 5.76 -10.29 24.94
CA ARG A 853 6.58 -9.15 25.34
C ARG A 853 7.86 -9.02 24.51
N THR A 854 7.91 -9.68 23.35
CA THR A 854 9.17 -9.76 22.59
C THR A 854 9.02 -9.09 21.22
N MET A 855 10.15 -8.81 20.58
CA MET A 855 10.09 -8.31 19.20
C MET A 855 10.17 -9.44 18.19
N TYR A 856 9.18 -10.33 18.26
CA TYR A 856 9.13 -11.53 17.42
C TYR A 856 8.94 -11.18 15.95
N PHE A 857 8.51 -9.95 15.70
CA PHE A 857 8.17 -9.50 14.35
C PHE A 857 9.38 -8.91 13.62
N ALA A 858 10.52 -8.82 14.33
CA ALA A 858 11.74 -8.33 13.70
C ALA A 858 12.22 -9.28 12.59
#